data_9FYQ
#
_entry.id   9FYQ
#
_cell.length_a   1.00
_cell.length_b   1.00
_cell.length_c   1.00
_cell.angle_alpha   90.00
_cell.angle_beta   90.00
_cell.angle_gamma   90.00
#
_symmetry.space_group_name_H-M   'P 1'
#
loop_
_entity.id
_entity.type
_entity.pdbx_description
1 polymer 'Synaptic vesicle glycoprotein 2A'
2 polymer 'Tetanus toxin heavy chain'
3 polymer 'Pro-Macrobody 5,Maltose/maltodextrin-binding periplasmic protein'
4 branched 2-acetamido-2-deoxy-beta-D-glucopyranose-(1-4)-[alpha-L-fucopyranose-(1-6)]2-acetamido-2-deoxy-beta-D-glucopyranose
5 non-polymer 2-acetamido-2-deoxy-beta-D-glucopyranose
6 non-polymer omega-undecylenyl-beta-D-maltopyranoside
7 non-polymer '(2~{R},4~{R},5~{S},6~{S})-2-[(2~{R},3~{R})-3-[(2~{R},3~{S},4~{S},6~{S})-6-[(2~{S},3~{S},4~{R},5~{S},6~{S})-3-[(2~{R},3~{R},4~{R},5~{S},6~{R})-3-acetamido-6-(hydroxymethyl)-4,5-bis(oxidanyl)oxan-2-yl]oxy-2-(hydroxymethyl)-6-[(2~{R},3~{R},4~{R},5~{R},6~{S})-2-(hydroxymethyl)-6-[2-(octadecanoylamino)-3-oxidanyl-octadec-4-enoxy]-4,5-bis(oxidanyl)oxan-3-yl]oxy-5-oxidanyl-oxan-4-yl]oxy-3-azanyl-6-carboxy-4-oxidanyl-oxan-2-yl]-2,3-bis(oxidanyl)propoxy]-5-azanyl-4-oxidanyl-6-[(1~{R},2~{S})-1,2,3-tris(oxidanyl)propyl]oxane-2-carboxylic acid'
8 non-polymer '(2~{S},4~{S},5~{R},6~{S})-5-acetamido-2-[(2~{R},3~{R},4~{R},5~{S},6~{R})-2-[(2~{R},3~{R},4~{S},5~{R},6~{S})-2-[(2~{R},3~{S},4~{R},5~{R},6~{R})-4-[(2~{S},4~{S},5~{S},6~{S})-5-acetamido-2-carboxy-4-oxidanyl-6-[(1~{S},2~{R})-1,2,3-tris(oxidanyl)propyl]oxan-2-yl]oxy-6-[(2~{R},3~{S},4~{R},5~{R},6~{R})-6-[2-(docosanoylamino)-3-oxidanyl-octadec-4-enoxy]-2-(hydroxymethyl)-4,5-bis(oxidanyl)oxan-3-yl]oxy-2-(hydroxymethyl)-5-oxidanyl-oxan-3-yl]oxy-6-(hydroxymethyl)-5-oxidanyl-3-(2-oxidanylidenepropyl)oxan-4-yl]oxy-6-(hydroxymethyl)-3,5-bis(oxidanyl)oxan-4-yl]oxy-4-oxidanyl-6-[(1~{R},2~{R})-1,2,3-tris(oxidanyl)propyl]oxane-2-carboxylic acid'
#
loop_
_entity_poly.entity_id
_entity_poly.type
_entity_poly.pdbx_seq_one_letter_code
_entity_poly.pdbx_strand_id
1 'polypeptide(L)'
;MEEGFRDRAAFIRGAKDIAKEVKKHAAKKVVKGLDRVQDEYSRRSYSRFEEEDDDDDFPAPADGYYRGEGAQDEEEGGAS
SDATEGHDEDDEIYEGEYQGIPRAESGGKGERMADGAPLAGVRGGLGDGEGPPGGRGEAQRRKEREELAQQYEAILRECG
HGRFQWTLYFVLGLALMADGVEVFVVGFVLPSAEKDMCLSDSNKGMLGLIVYLGMMVGAFLWGGLADRLGRRQCLLISLS
VNSVFAFFSSFVQGYGTFLFCRLLSGVGIGGSIPIVFSYFSEFLAQEKRGEHLSWLCMFWMIGGVYAAAMAWAIIPHYGW
SFQMGSAYQFHSWRVFVLVCAFPSVFAIGALTTQPESPRFFLENGKHDEAWMVLKQVHDTNMRAKGHPERVFSVTHIKTI
HQEDELIEIQSDTGAWYQRWGVRALSLGGQVWGNFLSCFGPEYRRITLMMMGVWFTMSFSYYGLTVWFPDMIRHLQAVDY
AARTKVFPGERVEHVTFNFTLENQIHRGGQYFNDKFIGLRLKSVSFEDSLFEECYFEDVTSSNTFFRNCTFINTVFYNTD
LFEYKFVNSRLVNSTFLHNKEGCPLDVTGTGEGAYMVYFVSFLGTLAVLPGNIVSALLMDKIGRLRMLAGSSVMSCVSCF
FLSFGNSESAMIALLCLFGGVSIASWNALDVLTVELYPSDKRTTAFGFLNALCKLAAVLGISIFTSFVGITKAAPILFAS
AALALGSSLALKLPETRGQVLQ
;
A
2 'polypeptide(L)'
;MGKHHHHHHHHHHGSASLEVLFQGPSHMEDIDVILKKSTILNLDINNDIISDISGFNSSVITYPDAQLVPGINGKAIHLV
NNESSEVIVHKAMDIEYNDMFNNFTVSFWLRVPKVSASHLEQYGTNEYSIISSMKKHSLSIGSGWSVSLKGNNLIWTLKD
SAGEVRQITFRDLPDKFNAYLANKWVFITITNDRLSSANLYINGVLMGSAEITGLGAIREDNNITLKLDRCNNNNQYVSI
DKFRIFCKALNPKEIEKLYTSYLSITFLRDFWGNPLRYDTEYYLIPVASSSKDVQLKNITDYMYLTNAPSYTNGKLNIYY
RRLYNGLKFIIKRYTPNNEIDSFVKSGDFIKLYVSYNNNEHIVGYPKDGNAFNNLDRILRVGYNAPGIPLYKKMEAVKLR
DLKTYSVQLKLYDDKNASLGLVGTHNGQIGNDPNRDILIASNWYFNHLKDKILGCDWYFVPTDEGWTND
;
C
3 'polypeptide(L)'
;GPSQVQLVESGGGLVQAGGSLRLSCAASGRTFSRFIMGWFRQAPGKEREFVAAVGKSGDTTYYADSMSGRFAISRDNAKN
TVYLQMISLKPEDTAVYYCAADSSYFYHTHESEYDYWGQGTQVTVPPLVIWINGDKGYNGLAEVGKKFEKDTGIKVTVEH
PDKLEEKFPQVAATGDGPDIIFWAHDRFGGYAQSGLLAEITPDKAFQDKLYPFTWDAVRYNGKLIAYPIAVEALSLIYNK
DLLPNPPKTWEEIPALDKELKAKGKSALMFNLQEPYFTWPLIAADGGYAFKYENGKYDIKDVGVDNAGAKAGLTFLVDLI
KNKHMNADTDYSIAEAAFNKGETAMTINGPWAWSNIDTSKVNYGVTVLPTFKGQPSKPFVGVLSAGINAASPNKELAKEF
LENYLLTDEGLEAVNKDKPLGAVALKSYEEELAKDPRIAATMENAQKGEIMPNIPQMSAFWYAVRTAVINAASGRQTVDE
ALKDAQTPGA
;
D
#
# COMPACT_ATOMS: atom_id res chain seq x y z
N ARG A 145 27.33 -52.60 36.27
CA ARG A 145 27.08 -51.53 35.32
C ARG A 145 28.08 -50.39 35.51
N GLU A 146 28.07 -49.81 36.70
CA GLU A 146 28.91 -48.65 36.99
C GLU A 146 30.38 -48.96 36.79
N GLU A 147 30.80 -50.20 37.03
CA GLU A 147 32.20 -50.56 36.87
C GLU A 147 32.62 -50.43 35.41
N LEU A 148 31.78 -50.86 34.48
CA LEU A 148 32.09 -50.73 33.06
C LEU A 148 32.26 -49.26 32.69
N ALA A 149 31.37 -48.40 33.18
CA ALA A 149 31.48 -46.98 32.89
C ALA A 149 32.82 -46.41 33.33
N GLN A 150 33.39 -46.94 34.40
CA GLN A 150 34.73 -46.52 34.81
C GLN A 150 35.77 -46.99 33.81
N GLN A 151 35.70 -48.25 33.41
CA GLN A 151 36.66 -48.77 32.43
C GLN A 151 36.47 -48.10 31.08
N TYR A 152 35.22 -47.91 30.65
CA TYR A 152 34.96 -47.24 29.38
C TYR A 152 35.50 -45.82 29.39
N GLU A 153 35.30 -45.10 30.49
CA GLU A 153 35.83 -43.75 30.60
C GLU A 153 37.35 -43.74 30.53
N ALA A 154 37.99 -44.85 30.93
CA ALA A 154 39.45 -44.90 30.95
C ALA A 154 40.04 -45.04 29.55
N ILE A 155 39.39 -45.81 28.67
CA ILE A 155 39.97 -46.09 27.36
C ILE A 155 40.07 -44.81 26.54
N LEU A 156 38.93 -44.20 26.23
CA LEU A 156 38.92 -43.00 25.40
C LEU A 156 39.61 -41.83 26.07
N ARG A 157 39.71 -41.83 27.40
CA ARG A 157 40.33 -40.71 28.09
C ARG A 157 41.82 -40.64 27.79
N GLU A 158 42.45 -41.77 27.47
CA GLU A 158 43.88 -41.78 27.18
C GLU A 158 44.15 -41.33 25.75
N CYS A 159 43.44 -41.90 24.77
CA CYS A 159 43.64 -41.50 23.39
C CYS A 159 43.35 -40.02 23.20
N GLY A 160 42.45 -39.47 24.01
CA GLY A 160 42.20 -38.04 24.00
C GLY A 160 41.56 -37.54 22.73
N HIS A 161 41.08 -36.30 22.79
CA HIS A 161 40.51 -35.67 21.63
C HIS A 161 41.54 -35.64 20.50
N GLY A 162 41.09 -36.00 19.31
CA GLY A 162 41.98 -36.11 18.18
C GLY A 162 41.16 -36.31 16.92
N ARG A 163 41.86 -36.70 15.86
CA ARG A 163 41.29 -36.85 14.53
C ARG A 163 39.88 -37.43 14.50
N PHE A 164 39.69 -38.59 15.13
CA PHE A 164 38.40 -39.26 15.06
C PHE A 164 37.30 -38.36 15.62
N GLN A 165 37.59 -37.65 16.71
CA GLN A 165 36.56 -36.84 17.33
C GLN A 165 36.14 -35.68 16.43
N TRP A 166 37.09 -34.99 15.83
CA TRP A 166 36.75 -33.89 14.92
C TRP A 166 36.04 -34.41 13.68
N THR A 167 36.46 -35.56 13.15
CA THR A 167 35.79 -36.13 12.00
C THR A 167 34.34 -36.44 12.32
N LEU A 168 34.08 -37.08 13.45
CA LEU A 168 32.70 -37.38 13.79
C LEU A 168 31.93 -36.10 14.08
N TYR A 169 32.60 -35.10 14.64
CA TYR A 169 31.97 -33.82 14.91
C TYR A 169 31.44 -33.20 13.62
N PHE A 170 32.25 -33.20 12.56
CA PHE A 170 31.82 -32.59 11.31
C PHE A 170 30.74 -33.43 10.62
N VAL A 171 30.93 -34.76 10.56
CA VAL A 171 29.95 -35.58 9.86
C VAL A 171 28.61 -35.62 10.58
N LEU A 172 28.58 -35.28 11.87
CA LEU A 172 27.31 -35.18 12.60
C LEU A 172 26.74 -33.77 12.54
N GLY A 173 27.60 -32.76 12.50
CA GLY A 173 27.12 -31.42 12.26
C GLY A 173 26.43 -31.29 10.93
N LEU A 174 26.78 -32.17 9.97
CA LEU A 174 26.05 -32.17 8.71
C LEU A 174 24.58 -32.51 8.93
N ALA A 175 24.28 -33.52 9.76
CA ALA A 175 22.90 -33.87 10.06
C ALA A 175 22.20 -32.74 10.81
N LEU A 176 22.89 -32.12 11.76
CA LEU A 176 22.26 -31.00 12.47
C LEU A 176 21.97 -29.83 11.52
N MET A 177 22.88 -29.56 10.59
CA MET A 177 22.64 -28.53 9.59
C MET A 177 21.43 -28.88 8.73
N ALA A 178 21.27 -30.16 8.40
CA ALA A 178 20.09 -30.59 7.65
C ALA A 178 18.82 -30.25 8.42
N ASP A 179 18.83 -30.52 9.73
CA ASP A 179 17.65 -30.19 10.55
C ASP A 179 17.37 -28.68 10.53
N GLY A 180 18.42 -27.88 10.74
CA GLY A 180 18.24 -26.44 10.75
C GLY A 180 17.70 -25.91 9.43
N VAL A 181 18.15 -26.49 8.31
CA VAL A 181 17.65 -26.08 7.02
C VAL A 181 16.20 -26.50 6.85
N GLU A 182 15.86 -27.71 7.30
CA GLU A 182 14.51 -28.22 7.10
C GLU A 182 13.47 -27.37 7.81
N VAL A 183 13.80 -26.84 8.98
CA VAL A 183 12.77 -26.13 9.76
C VAL A 183 12.38 -24.76 9.19
N PHE A 184 13.04 -24.30 8.11
CA PHE A 184 12.80 -22.97 7.54
C PHE A 184 12.13 -22.97 6.16
N VAL A 185 12.12 -24.12 5.48
CA VAL A 185 11.77 -24.17 4.07
C VAL A 185 10.36 -23.68 3.83
N VAL A 186 9.37 -24.33 4.45
CA VAL A 186 7.97 -23.99 4.18
C VAL A 186 7.70 -22.53 4.49
N GLY A 187 8.37 -21.97 5.49
CA GLY A 187 8.19 -20.56 5.78
C GLY A 187 8.66 -19.66 4.66
N PHE A 188 9.84 -19.94 4.09
CA PHE A 188 10.27 -19.10 2.97
C PHE A 188 9.57 -19.44 1.66
N VAL A 189 8.61 -20.38 1.67
CA VAL A 189 7.94 -20.81 0.45
C VAL A 189 6.49 -20.36 0.40
N LEU A 190 5.84 -20.12 1.54
CA LEU A 190 4.42 -19.80 1.52
C LEU A 190 4.09 -18.58 0.66
N PRO A 191 4.80 -17.44 0.77
CA PRO A 191 4.41 -16.28 -0.05
C PRO A 191 4.40 -16.55 -1.54
N SER A 192 5.34 -17.34 -2.04
CA SER A 192 5.41 -17.64 -3.46
C SER A 192 4.56 -18.83 -3.87
N ALA A 193 4.49 -19.86 -3.02
CA ALA A 193 3.71 -21.03 -3.34
C ALA A 193 2.21 -20.83 -3.18
N GLU A 194 1.80 -19.75 -2.50
CA GLU A 194 0.38 -19.53 -2.25
C GLU A 194 -0.41 -19.27 -3.52
N LYS A 195 0.25 -18.88 -4.61
CA LYS A 195 -0.46 -18.67 -5.88
C LYS A 195 -0.66 -19.98 -6.63
N ASP A 196 0.42 -20.68 -6.92
CA ASP A 196 0.34 -21.90 -7.72
C ASP A 196 -0.53 -22.94 -7.03
N MET A 197 -0.41 -23.05 -5.72
CA MET A 197 -1.06 -24.09 -4.95
C MET A 197 -2.39 -23.64 -4.36
N CYS A 198 -2.88 -22.45 -4.75
CA CYS A 198 -4.19 -21.92 -4.33
C CYS A 198 -4.42 -22.14 -2.83
N LEU A 199 -3.62 -21.48 -2.00
CA LEU A 199 -3.58 -21.75 -0.57
C LEU A 199 -4.41 -20.74 0.23
N SER A 200 -5.40 -21.24 0.95
CA SER A 200 -6.17 -20.44 1.89
C SER A 200 -5.32 -20.13 3.12
N ASP A 201 -5.80 -19.27 4.00
CA ASP A 201 -5.08 -18.98 5.24
C ASP A 201 -5.05 -20.20 6.16
N SER A 202 -6.14 -20.96 6.19
CA SER A 202 -6.15 -22.19 6.99
C SER A 202 -5.07 -23.14 6.51
N ASN A 203 -4.89 -23.25 5.19
CA ASN A 203 -3.84 -24.10 4.67
C ASN A 203 -2.48 -23.56 5.06
N LYS A 204 -2.33 -22.23 5.11
CA LYS A 204 -1.06 -21.65 5.53
C LYS A 204 -0.73 -22.02 6.96
N GLY A 205 -1.72 -21.96 7.86
CA GLY A 205 -1.46 -22.35 9.24
C GLY A 205 -1.15 -23.82 9.40
N MET A 206 -1.90 -24.67 8.71
CA MET A 206 -1.64 -26.10 8.78
C MET A 206 -0.25 -26.43 8.24
N LEU A 207 0.15 -25.77 7.15
CA LEU A 207 1.49 -25.97 6.62
C LEU A 207 2.54 -25.45 7.59
N GLY A 208 2.24 -24.38 8.31
CA GLY A 208 3.18 -23.87 9.30
C GLY A 208 3.41 -24.84 10.43
N LEU A 209 2.38 -25.57 10.84
CA LEU A 209 2.51 -26.50 11.96
C LEU A 209 2.90 -27.92 11.55
N ILE A 210 2.82 -28.26 10.26
CA ILE A 210 3.08 -29.64 9.84
C ILE A 210 4.52 -30.05 10.14
N VAL A 211 5.47 -29.12 9.99
CA VAL A 211 6.87 -29.48 10.22
C VAL A 211 7.08 -29.87 11.68
N TYR A 212 6.51 -29.11 12.60
CA TYR A 212 6.68 -29.41 14.02
C TYR A 212 5.98 -30.70 14.40
N LEU A 213 4.80 -30.96 13.81
CA LEU A 213 4.12 -32.22 14.11
C LEU A 213 4.97 -33.41 13.63
N GLY A 214 5.49 -33.32 12.40
CA GLY A 214 6.34 -34.38 11.90
C GLY A 214 7.59 -34.56 12.75
N MET A 215 8.19 -33.45 13.18
CA MET A 215 9.39 -33.54 14.00
C MET A 215 9.08 -34.20 15.34
N MET A 216 7.92 -33.92 15.93
CA MET A 216 7.52 -34.59 17.16
C MET A 216 7.46 -36.10 16.95
N VAL A 217 6.74 -36.53 15.92
CA VAL A 217 6.57 -37.96 15.68
C VAL A 217 7.92 -38.61 15.41
N GLY A 218 8.75 -37.96 14.59
CA GLY A 218 10.05 -38.52 14.26
C GLY A 218 10.96 -38.62 15.45
N ALA A 219 11.00 -37.57 16.28
CA ALA A 219 11.82 -37.62 17.48
C ALA A 219 11.44 -38.82 18.33
N PHE A 220 10.15 -38.98 18.63
CA PHE A 220 9.74 -40.10 19.47
C PHE A 220 10.12 -41.44 18.83
N LEU A 221 9.79 -41.61 17.55
CA LEU A 221 9.99 -42.90 16.88
C LEU A 221 11.48 -43.27 16.80
N TRP A 222 12.29 -42.36 16.24
CA TRP A 222 13.70 -42.70 16.02
C TRP A 222 14.47 -42.76 17.32
N GLY A 223 14.13 -41.90 18.30
CA GLY A 223 14.76 -42.03 19.60
C GLY A 223 14.44 -43.36 20.26
N GLY A 224 13.17 -43.75 20.22
CA GLY A 224 12.81 -45.04 20.80
C GLY A 224 13.54 -46.19 20.14
N LEU A 225 13.65 -46.17 18.81
CA LEU A 225 14.27 -47.29 18.11
C LEU A 225 15.78 -47.31 18.27
N ALA A 226 16.44 -46.15 18.36
CA ALA A 226 17.89 -46.13 18.30
C ALA A 226 18.57 -46.81 19.48
N ASP A 227 17.87 -46.98 20.60
CA ASP A 227 18.47 -47.68 21.73
C ASP A 227 18.54 -49.18 21.52
N ARG A 228 17.94 -49.70 20.45
CA ARG A 228 17.92 -51.12 20.13
C ARG A 228 18.76 -51.45 18.90
N LEU A 229 18.50 -50.77 17.79
CA LEU A 229 19.14 -51.09 16.51
C LEU A 229 20.45 -50.34 16.29
N GLY A 230 20.79 -49.39 17.14
CA GLY A 230 22.00 -48.62 17.00
C GLY A 230 21.73 -47.18 16.58
N ARG A 231 22.75 -46.35 16.75
CA ARG A 231 22.63 -44.93 16.41
C ARG A 231 22.96 -44.65 14.95
N ARG A 232 23.98 -45.31 14.42
CA ARG A 232 24.40 -45.07 13.05
C ARG A 232 23.32 -45.52 12.07
N GLN A 233 22.83 -46.74 12.25
CA GLN A 233 21.82 -47.27 11.33
C GLN A 233 20.55 -46.44 11.37
N CYS A 234 20.09 -46.09 12.57
CA CYS A 234 18.87 -45.31 12.69
C CYS A 234 19.04 -43.91 12.11
N LEU A 235 20.20 -43.29 12.32
CA LEU A 235 20.42 -41.97 11.73
C LEU A 235 20.45 -42.05 10.22
N LEU A 236 21.09 -43.09 9.66
CA LEU A 236 21.09 -43.26 8.22
C LEU A 236 19.66 -43.41 7.69
N ILE A 237 18.86 -44.26 8.33
CA ILE A 237 17.50 -44.50 7.87
C ILE A 237 16.71 -43.20 7.89
N SER A 238 16.74 -42.51 9.03
CA SER A 238 15.93 -41.31 9.19
C SER A 238 16.35 -40.22 8.21
N LEU A 239 17.65 -40.00 8.06
CA LEU A 239 18.11 -38.96 7.16
C LEU A 239 17.79 -39.30 5.71
N SER A 240 17.92 -40.58 5.33
CA SER A 240 17.59 -40.97 3.96
C SER A 240 16.11 -40.75 3.68
N VAL A 241 15.25 -41.08 4.65
CA VAL A 241 13.83 -40.83 4.50
C VAL A 241 13.57 -39.34 4.31
N ASN A 242 14.22 -38.52 5.12
CA ASN A 242 14.08 -37.07 4.99
C ASN A 242 14.49 -36.60 3.61
N SER A 243 15.66 -37.05 3.14
CA SER A 243 16.16 -36.60 1.85
C SER A 243 15.20 -37.00 0.74
N VAL A 244 14.74 -38.25 0.76
CA VAL A 244 13.85 -38.73 -0.30
C VAL A 244 12.58 -37.90 -0.34
N PHE A 245 11.92 -37.74 0.81
CA PHE A 245 10.64 -37.05 0.79
C PHE A 245 10.80 -35.55 0.53
N ALA A 246 11.88 -34.94 1.02
CA ALA A 246 12.11 -33.52 0.78
C ALA A 246 12.48 -33.26 -0.68
N PHE A 247 13.08 -34.25 -1.36
CA PHE A 247 13.31 -34.12 -2.80
C PHE A 247 12.01 -34.30 -3.57
N PHE A 248 11.17 -35.25 -3.16
CA PHE A 248 9.91 -35.46 -3.87
C PHE A 248 8.98 -34.26 -3.69
N SER A 249 9.06 -33.57 -2.56
CA SER A 249 8.17 -32.44 -2.32
C SER A 249 8.36 -31.32 -3.33
N SER A 250 9.51 -31.27 -4.02
CA SER A 250 9.76 -30.22 -5.00
C SER A 250 9.01 -30.45 -6.30
N PHE A 251 8.72 -31.70 -6.65
CA PHE A 251 8.02 -32.06 -7.88
C PHE A 251 6.57 -32.44 -7.61
N VAL A 252 5.92 -31.73 -6.70
CA VAL A 252 4.58 -32.06 -6.24
C VAL A 252 3.66 -30.87 -6.50
N GLN A 253 2.46 -31.15 -7.00
CA GLN A 253 1.51 -30.13 -7.42
C GLN A 253 0.39 -29.89 -6.41
N GLY A 254 -0.31 -30.95 -6.00
CA GLY A 254 -1.43 -30.77 -5.11
C GLY A 254 -1.01 -30.33 -3.72
N TYR A 255 -1.95 -29.71 -3.02
CA TYR A 255 -1.70 -29.25 -1.66
C TYR A 255 -1.62 -30.40 -0.67
N GLY A 256 -2.56 -31.35 -0.76
CA GLY A 256 -2.58 -32.44 0.20
C GLY A 256 -1.34 -33.31 0.12
N THR A 257 -0.93 -33.66 -1.10
CA THR A 257 0.29 -34.44 -1.27
C THR A 257 1.53 -33.64 -0.83
N PHE A 258 1.54 -32.33 -1.03
CA PHE A 258 2.63 -31.52 -0.51
C PHE A 258 2.68 -31.58 1.01
N LEU A 259 1.51 -31.50 1.65
CA LEU A 259 1.43 -31.61 3.10
C LEU A 259 1.94 -32.96 3.59
N PHE A 260 1.55 -34.03 2.88
CA PHE A 260 2.01 -35.37 3.25
C PHE A 260 3.52 -35.50 3.11
N CYS A 261 4.07 -34.99 2.00
CA CYS A 261 5.51 -35.05 1.79
C CYS A 261 6.25 -34.28 2.87
N ARG A 262 5.76 -33.09 3.22
CA ARG A 262 6.43 -32.30 4.25
C ARG A 262 6.32 -32.96 5.62
N LEU A 263 5.18 -33.58 5.93
CA LEU A 263 5.05 -34.26 7.21
C LEU A 263 6.02 -35.43 7.30
N LEU A 264 6.16 -36.21 6.23
CA LEU A 264 7.09 -37.33 6.28
C LEU A 264 8.54 -36.84 6.31
N SER A 265 8.83 -35.71 5.65
CA SER A 265 10.16 -35.13 5.77
C SER A 265 10.47 -34.73 7.21
N GLY A 266 9.49 -34.12 7.87
CA GLY A 266 9.68 -33.80 9.28
C GLY A 266 9.87 -35.03 10.13
N VAL A 267 9.15 -36.11 9.82
CA VAL A 267 9.32 -37.36 10.57
C VAL A 267 10.72 -37.89 10.37
N GLY A 268 11.26 -37.77 9.15
CA GLY A 268 12.62 -38.20 8.92
C GLY A 268 13.63 -37.39 9.69
N ILE A 269 13.42 -36.07 9.76
CA ILE A 269 14.42 -35.20 10.39
C ILE A 269 14.25 -35.04 11.90
N GLY A 270 13.15 -35.55 12.47
CA GLY A 270 12.95 -35.38 13.90
C GLY A 270 14.03 -36.00 14.76
N GLY A 271 14.59 -37.12 14.34
CA GLY A 271 15.50 -37.88 15.18
C GLY A 271 16.97 -37.49 15.07
N SER A 272 17.26 -36.31 14.50
CA SER A 272 18.66 -35.92 14.35
C SER A 272 19.26 -35.43 15.66
N ILE A 273 18.57 -34.52 16.35
CA ILE A 273 19.12 -33.97 17.59
C ILE A 273 19.40 -35.07 18.61
N PRO A 274 18.44 -35.92 18.98
CA PRO A 274 18.74 -36.98 19.95
C PRO A 274 19.86 -37.91 19.52
N ILE A 275 19.77 -38.49 18.33
CA ILE A 275 20.74 -39.47 17.91
C ILE A 275 22.12 -38.84 17.79
N VAL A 276 22.20 -37.65 17.20
CA VAL A 276 23.50 -37.00 17.02
C VAL A 276 24.16 -36.74 18.36
N PHE A 277 23.42 -36.14 19.30
CA PHE A 277 24.04 -35.79 20.58
C PHE A 277 24.42 -37.03 21.36
N SER A 278 23.49 -37.97 21.53
CA SER A 278 23.77 -39.21 22.24
C SER A 278 24.95 -39.96 21.65
N TYR A 279 25.00 -40.04 20.31
CA TYR A 279 26.01 -40.82 19.62
C TYR A 279 27.40 -40.20 19.78
N PHE A 280 27.52 -38.88 19.60
CA PHE A 280 28.80 -38.22 19.80
C PHE A 280 29.24 -38.22 21.26
N SER A 281 28.30 -38.33 22.20
CA SER A 281 28.65 -38.33 23.61
C SER A 281 29.47 -39.53 24.03
N GLU A 282 29.48 -40.58 23.22
CA GLU A 282 30.12 -41.83 23.55
C GLU A 282 31.52 -41.93 22.97
N PHE A 283 32.04 -40.84 22.39
CA PHE A 283 33.42 -40.72 21.96
C PHE A 283 34.15 -39.61 22.71
N LEU A 284 33.65 -39.25 23.90
CA LEU A 284 34.17 -38.14 24.67
C LEU A 284 34.43 -38.60 26.09
N ALA A 285 35.31 -37.87 26.78
CA ALA A 285 35.66 -38.13 28.17
C ALA A 285 35.19 -36.95 29.03
N GLN A 286 35.11 -37.20 30.34
CA GLN A 286 34.43 -36.28 31.24
C GLN A 286 35.18 -34.98 31.50
N GLU A 287 36.48 -34.93 31.22
CA GLU A 287 37.24 -33.73 31.55
C GLU A 287 36.71 -32.49 30.81
N LYS A 288 36.16 -32.68 29.60
CA LYS A 288 35.67 -31.54 28.82
C LYS A 288 34.40 -31.84 28.03
N ARG A 289 33.61 -32.82 28.43
CA ARG A 289 32.48 -33.25 27.59
C ARG A 289 31.52 -32.10 27.30
N GLY A 290 31.21 -31.28 28.31
CA GLY A 290 30.21 -30.25 28.13
C GLY A 290 30.56 -29.26 27.04
N GLU A 291 31.81 -28.79 27.02
CA GLU A 291 32.24 -27.90 25.95
C GLU A 291 32.18 -28.61 24.61
N HIS A 292 32.59 -29.88 24.59
CA HIS A 292 32.65 -30.62 23.34
C HIS A 292 31.27 -30.78 22.74
N LEU A 293 30.27 -31.05 23.58
CA LEU A 293 28.90 -31.18 23.08
C LEU A 293 28.31 -29.84 22.68
N SER A 294 28.78 -28.75 23.29
CA SER A 294 28.20 -27.43 23.04
C SER A 294 28.65 -26.86 21.70
N TRP A 295 29.86 -27.17 21.25
CA TRP A 295 30.29 -26.75 19.93
C TRP A 295 29.54 -27.47 18.82
N LEU A 296 28.81 -28.54 19.16
CA LEU A 296 27.99 -29.26 18.21
C LEU A 296 26.65 -28.56 17.94
N CYS A 297 26.26 -27.60 18.78
CA CYS A 297 25.05 -26.81 18.57
C CYS A 297 25.25 -25.69 17.55
N MET A 298 26.47 -25.49 17.06
CA MET A 298 26.74 -24.40 16.13
C MET A 298 26.25 -24.70 14.72
N PHE A 299 26.18 -25.97 14.33
CA PHE A 299 25.80 -26.30 12.97
C PHE A 299 24.33 -26.00 12.68
N TRP A 300 23.49 -25.96 13.71
CA TRP A 300 22.08 -25.66 13.50
C TRP A 300 21.89 -24.25 12.93
N MET A 301 22.61 -23.27 13.48
CA MET A 301 22.53 -21.92 12.94
C MET A 301 23.22 -21.83 11.58
N ILE A 302 24.23 -22.66 11.34
CA ILE A 302 24.83 -22.71 10.01
C ILE A 302 23.78 -23.14 9.00
N GLY A 303 22.98 -24.13 9.34
CA GLY A 303 21.90 -24.54 8.45
C GLY A 303 20.86 -23.45 8.28
N GLY A 304 20.54 -22.75 9.36
CA GLY A 304 19.58 -21.65 9.25
C GLY A 304 20.04 -20.58 8.28
N VAL A 305 21.31 -20.16 8.40
CA VAL A 305 21.83 -19.15 7.50
C VAL A 305 21.93 -19.70 6.08
N TYR A 306 22.25 -20.98 5.91
CA TYR A 306 22.27 -21.56 4.57
C TYR A 306 20.88 -21.46 3.92
N ALA A 307 19.85 -21.81 4.68
CA ALA A 307 18.49 -21.74 4.14
C ALA A 307 18.11 -20.31 3.80
N ALA A 308 18.45 -19.37 4.68
CA ALA A 308 18.15 -17.96 4.39
C ALA A 308 18.87 -17.49 3.14
N ALA A 309 20.15 -17.85 3.00
CA ALA A 309 20.93 -17.41 1.86
C ALA A 309 20.37 -17.97 0.56
N MET A 310 20.03 -19.26 0.55
CA MET A 310 19.46 -19.85 -0.66
C MET A 310 18.11 -19.23 -0.98
N ALA A 311 17.29 -18.97 0.04
CA ALA A 311 16.01 -18.32 -0.19
C ALA A 311 16.19 -16.96 -0.85
N TRP A 312 17.14 -16.18 -0.33
CA TRP A 312 17.39 -14.86 -0.92
C TRP A 312 17.96 -14.98 -2.33
N ALA A 313 18.76 -16.02 -2.59
CA ALA A 313 19.46 -16.14 -3.86
C ALA A 313 18.68 -16.87 -4.95
N ILE A 314 17.50 -17.43 -4.63
CA ILE A 314 16.72 -18.19 -5.60
C ILE A 314 15.31 -17.63 -5.76
N ILE A 315 14.61 -17.43 -4.65
CA ILE A 315 13.18 -17.07 -4.73
C ILE A 315 12.94 -15.77 -5.47
N PRO A 316 13.67 -14.67 -5.24
CA PRO A 316 13.27 -13.39 -5.86
C PRO A 316 13.27 -13.40 -7.39
N HIS A 317 13.90 -14.39 -8.03
CA HIS A 317 13.83 -14.52 -9.48
C HIS A 317 12.47 -15.12 -9.84
N TYR A 318 11.45 -14.26 -9.82
CA TYR A 318 10.08 -14.71 -10.07
C TYR A 318 9.80 -14.99 -11.53
N GLY A 319 10.63 -14.50 -12.45
CA GLY A 319 10.39 -14.67 -13.87
C GLY A 319 10.91 -15.94 -14.48
N TRP A 320 11.49 -16.85 -13.68
CA TRP A 320 12.04 -18.07 -14.24
C TRP A 320 10.94 -18.97 -14.78
N SER A 321 10.02 -19.41 -13.91
CA SER A 321 8.93 -20.29 -14.31
C SER A 321 9.45 -21.56 -15.00
N PHE A 330 6.70 -25.14 -12.87
CA PHE A 330 7.83 -25.13 -11.95
C PHE A 330 8.45 -23.74 -11.84
N HIS A 331 8.13 -23.05 -10.75
CA HIS A 331 8.70 -21.74 -10.47
C HIS A 331 9.94 -21.91 -9.58
N SER A 332 10.44 -20.80 -9.04
CA SER A 332 11.71 -20.81 -8.32
C SER A 332 11.61 -21.41 -6.92
N TRP A 333 10.44 -21.38 -6.29
CA TRP A 333 10.36 -21.90 -4.92
C TRP A 333 10.58 -23.41 -4.88
N ARG A 334 10.17 -24.12 -5.92
CA ARG A 334 10.47 -25.55 -5.99
C ARG A 334 11.96 -25.78 -6.10
N VAL A 335 12.65 -24.93 -6.86
CA VAL A 335 14.10 -25.03 -6.97
C VAL A 335 14.74 -24.78 -5.62
N PHE A 336 14.22 -23.81 -4.86
CA PHE A 336 14.73 -23.56 -3.52
C PHE A 336 14.55 -24.78 -2.63
N VAL A 337 13.38 -25.43 -2.73
CA VAL A 337 13.14 -26.65 -1.96
C VAL A 337 14.16 -27.72 -2.32
N LEU A 338 14.37 -27.94 -3.61
CA LEU A 338 15.30 -28.97 -4.04
C LEU A 338 16.72 -28.66 -3.59
N VAL A 339 17.13 -27.40 -3.67
CA VAL A 339 18.49 -27.03 -3.29
C VAL A 339 18.67 -27.16 -1.78
N CYS A 340 17.63 -26.86 -1.00
CA CYS A 340 17.68 -27.03 0.43
C CYS A 340 17.57 -28.49 0.87
N ALA A 341 17.18 -29.39 -0.03
CA ALA A 341 17.15 -30.81 0.27
C ALA A 341 18.52 -31.49 0.20
N PHE A 342 19.59 -30.73 -0.02
CA PHE A 342 20.94 -31.23 -0.22
C PHE A 342 21.68 -31.64 1.06
N PRO A 343 21.68 -30.82 2.13
CA PRO A 343 22.52 -31.18 3.29
C PRO A 343 22.19 -32.54 3.88
N SER A 344 20.94 -32.99 3.79
CA SER A 344 20.65 -34.35 4.24
C SER A 344 21.38 -35.37 3.37
N VAL A 345 21.37 -35.18 2.05
CA VAL A 345 22.08 -36.10 1.17
C VAL A 345 23.56 -36.12 1.51
N PHE A 346 24.14 -34.95 1.74
CA PHE A 346 25.54 -34.92 2.15
C PHE A 346 25.74 -35.57 3.51
N ALA A 347 24.73 -35.51 4.37
CA ALA A 347 24.84 -36.16 5.68
C ALA A 347 24.93 -37.66 5.54
N ILE A 348 24.07 -38.27 4.71
CA ILE A 348 24.22 -39.70 4.45
C ILE A 348 25.56 -39.99 3.78
N GLY A 349 26.00 -39.10 2.89
CA GLY A 349 27.27 -39.33 2.21
C GLY A 349 28.44 -39.37 3.18
N ALA A 350 28.47 -38.44 4.13
CA ALA A 350 29.57 -38.34 5.08
C ALA A 350 29.40 -39.25 6.29
N LEU A 351 28.22 -39.81 6.52
CA LEU A 351 27.97 -40.66 7.68
C LEU A 351 28.33 -42.11 7.44
N THR A 352 28.39 -42.55 6.18
CA THR A 352 28.69 -43.95 5.90
C THR A 352 30.09 -44.37 6.33
N THR A 353 30.98 -43.43 6.58
CA THR A 353 32.39 -43.71 6.84
C THR A 353 32.72 -43.87 8.32
N GLN A 354 31.74 -43.83 9.21
CA GLN A 354 31.98 -43.79 10.64
C GLN A 354 31.50 -45.05 11.33
N PRO A 355 32.23 -45.55 12.33
CA PRO A 355 31.79 -46.77 13.02
C PRO A 355 30.63 -46.52 13.95
N GLU A 356 29.91 -47.59 14.23
CA GLU A 356 28.86 -47.56 15.24
C GLU A 356 29.54 -47.52 16.62
N SER A 357 29.08 -46.63 17.49
CA SER A 357 29.81 -46.37 18.72
C SER A 357 29.90 -47.62 19.58
N PRO A 358 31.01 -47.84 20.30
CA PRO A 358 31.20 -49.11 21.01
C PRO A 358 30.30 -49.28 22.21
N ARG A 359 29.77 -48.19 22.77
CA ARG A 359 28.93 -48.30 23.95
C ARG A 359 27.67 -49.10 23.67
N PHE A 360 27.07 -48.88 22.49
CA PHE A 360 25.89 -49.65 22.12
C PHE A 360 26.20 -51.14 22.05
N PHE A 361 27.34 -51.48 21.44
CA PHE A 361 27.73 -52.89 21.36
C PHE A 361 27.94 -53.48 22.74
N LEU A 362 28.63 -52.75 23.62
CA LEU A 362 28.86 -53.25 24.97
C LEU A 362 27.53 -53.45 25.69
N GLU A 363 26.63 -52.47 25.59
CA GLU A 363 25.33 -52.58 26.24
C GLU A 363 24.48 -53.70 25.64
N ASN A 364 24.81 -54.16 24.43
CA ASN A 364 24.08 -55.24 23.77
C ASN A 364 24.87 -56.54 23.77
N GLY A 365 25.84 -56.69 24.67
CA GLY A 365 26.59 -57.94 24.78
C GLY A 365 27.33 -58.30 23.51
N LYS A 366 28.01 -57.33 22.91
CA LYS A 366 28.71 -57.48 21.65
C LYS A 366 30.10 -56.86 21.75
N HIS A 367 30.84 -57.25 22.79
CA HIS A 367 32.12 -56.62 23.11
C HIS A 367 33.14 -56.71 21.98
N ASP A 368 33.00 -57.67 21.06
CA ASP A 368 33.98 -57.78 19.98
C ASP A 368 33.93 -56.56 19.07
N GLU A 369 32.73 -56.19 18.62
CA GLU A 369 32.60 -55.01 17.78
C GLU A 369 33.00 -53.76 18.54
N ALA A 370 32.72 -53.72 19.84
CA ALA A 370 33.17 -52.59 20.65
C ALA A 370 34.69 -52.49 20.62
N TRP A 371 35.37 -53.64 20.76
CA TRP A 371 36.83 -53.63 20.75
C TRP A 371 37.37 -53.16 19.41
N MET A 372 36.80 -53.63 18.31
CA MET A 372 37.33 -53.20 17.01
C MET A 372 37.07 -51.72 16.78
N VAL A 373 35.92 -51.19 17.22
CA VAL A 373 35.66 -49.77 17.03
C VAL A 373 36.63 -48.94 17.87
N LEU A 374 36.87 -49.36 19.11
CA LEU A 374 37.84 -48.64 19.94
C LEU A 374 39.23 -48.71 19.34
N LYS A 375 39.57 -49.83 18.71
CA LYS A 375 40.86 -49.93 18.02
C LYS A 375 40.93 -48.94 16.87
N GLN A 376 39.85 -48.78 16.11
CA GLN A 376 39.85 -47.77 15.04
C GLN A 376 40.08 -46.38 15.62
N VAL A 377 39.38 -46.06 16.70
CA VAL A 377 39.49 -44.74 17.30
C VAL A 377 40.93 -44.48 17.72
N HIS A 378 41.54 -45.46 18.41
CA HIS A 378 42.92 -45.29 18.87
C HIS A 378 43.87 -45.15 17.70
N ASP A 379 43.74 -46.01 16.68
CA ASP A 379 44.65 -45.97 15.54
C ASP A 379 44.55 -44.62 14.84
N THR A 380 43.34 -44.13 14.61
CA THR A 380 43.15 -42.87 13.91
C THR A 380 43.75 -41.71 14.71
N ASN A 381 43.43 -41.64 16.01
CA ASN A 381 43.93 -40.53 16.83
C ASN A 381 45.45 -40.56 16.93
N MET A 382 46.04 -41.75 17.09
CA MET A 382 47.49 -41.83 17.20
C MET A 382 48.17 -41.48 15.88
N ARG A 383 47.63 -41.97 14.75
CA ARG A 383 48.19 -41.57 13.47
C ARG A 383 48.12 -40.05 13.30
N ALA A 384 47.09 -39.43 13.87
CA ALA A 384 47.01 -37.98 13.84
C ALA A 384 48.10 -37.33 14.66
N LYS A 385 48.26 -37.76 15.90
CA LYS A 385 49.20 -37.13 16.81
C LYS A 385 50.65 -37.53 16.54
N GLY A 386 50.91 -38.27 15.47
CA GLY A 386 52.28 -38.62 15.13
C GLY A 386 52.98 -39.47 16.17
N HIS A 387 52.28 -40.47 16.71
CA HIS A 387 52.86 -41.41 17.68
C HIS A 387 52.53 -42.83 17.26
N PRO A 388 53.02 -43.26 16.09
CA PRO A 388 52.75 -44.64 15.64
C PRO A 388 53.40 -45.69 16.52
N GLU A 389 54.44 -45.33 17.28
CA GLU A 389 55.11 -46.31 18.13
C GLU A 389 54.18 -46.88 19.19
N ARG A 390 53.26 -46.07 19.70
CA ARG A 390 52.34 -46.54 20.73
C ARG A 390 51.43 -47.63 20.18
N VAL A 391 51.10 -48.59 21.04
CA VAL A 391 50.28 -49.74 20.67
C VAL A 391 49.02 -49.76 21.53
N PHE A 392 47.93 -50.21 20.92
CA PHE A 392 46.63 -50.33 21.60
C PHE A 392 46.69 -51.53 22.53
N SER A 393 47.38 -51.33 23.67
CA SER A 393 47.58 -52.40 24.63
C SER A 393 46.33 -52.75 25.42
N VAL A 394 45.25 -51.97 25.28
CA VAL A 394 44.04 -52.25 26.04
C VAL A 394 43.51 -53.62 25.67
N THR A 395 43.18 -54.41 26.69
CA THR A 395 42.66 -55.76 26.49
C THR A 395 41.16 -55.69 26.21
N HIS A 396 40.50 -56.85 26.24
CA HIS A 396 39.07 -56.90 25.98
C HIS A 396 38.31 -56.15 27.08
N ILE A 397 37.16 -55.60 26.70
CA ILE A 397 36.34 -54.82 27.63
C ILE A 397 35.49 -55.75 28.48
N LYS A 398 35.09 -55.25 29.65
CA LYS A 398 34.24 -56.01 30.55
C LYS A 398 32.97 -56.46 29.84
N THR A 399 32.61 -57.72 30.06
CA THR A 399 31.47 -58.34 29.40
C THR A 399 30.29 -58.43 30.38
N ILE A 400 29.11 -58.04 29.90
CA ILE A 400 27.89 -58.09 30.71
C ILE A 400 26.93 -59.09 30.10
N GLY A 421 7.07 -60.84 11.17
CA GLY A 421 6.13 -60.07 11.95
C GLY A 421 6.45 -60.09 13.44
N VAL A 422 7.01 -61.21 13.89
CA VAL A 422 7.35 -61.33 15.31
C VAL A 422 8.46 -60.37 15.69
N ARG A 423 9.40 -60.13 14.76
CA ARG A 423 10.50 -59.22 15.05
C ARG A 423 9.99 -57.80 15.32
N ALA A 424 9.00 -57.36 14.55
CA ALA A 424 8.44 -56.03 14.77
C ALA A 424 7.80 -55.93 16.15
N LEU A 425 7.07 -56.97 16.57
CA LEU A 425 6.48 -56.97 17.90
C LEU A 425 7.55 -56.95 18.98
N SER A 426 8.63 -57.70 18.78
CA SER A 426 9.72 -57.70 19.74
C SER A 426 10.34 -56.32 19.85
N LEU A 427 10.56 -55.66 18.72
CA LEU A 427 11.13 -54.31 18.75
C LEU A 427 10.19 -53.34 19.45
N GLY A 428 8.89 -53.44 19.18
CA GLY A 428 7.94 -52.58 19.86
C GLY A 428 7.95 -52.80 21.37
N GLY A 429 8.04 -54.07 21.78
CA GLY A 429 8.09 -54.37 23.21
C GLY A 429 9.35 -53.83 23.86
N GLN A 430 10.49 -53.99 23.19
CA GLN A 430 11.75 -53.46 23.74
C GLN A 430 11.70 -51.94 23.86
N VAL A 431 11.14 -51.28 22.86
CA VAL A 431 11.04 -49.82 22.91
C VAL A 431 10.09 -49.40 24.02
N TRP A 432 8.97 -50.10 24.18
CA TRP A 432 8.04 -49.77 25.25
C TRP A 432 8.69 -49.98 26.62
N GLY A 433 9.48 -51.03 26.76
CA GLY A 433 10.18 -51.25 28.02
C GLY A 433 11.19 -50.16 28.31
N ASN A 434 11.95 -49.75 27.30
CA ASN A 434 12.90 -48.65 27.50
C ASN A 434 12.16 -47.39 27.93
N PHE A 435 11.05 -47.07 27.27
CA PHE A 435 10.31 -45.86 27.62
C PHE A 435 9.73 -45.95 29.03
N LEU A 436 9.21 -47.11 29.41
CA LEU A 436 8.59 -47.23 30.72
C LEU A 436 9.63 -47.20 31.83
N SER A 437 10.84 -47.68 31.57
CA SER A 437 11.89 -47.65 32.58
C SER A 437 12.34 -46.23 32.92
N CYS A 438 11.93 -45.22 32.12
CA CYS A 438 12.31 -43.85 32.41
C CYS A 438 11.56 -43.28 33.61
N PHE A 439 10.36 -43.78 33.88
CA PHE A 439 9.55 -43.30 34.99
C PHE A 439 9.73 -44.13 36.26
N GLY A 440 10.71 -45.05 36.27
CA GLY A 440 10.97 -45.85 37.44
C GLY A 440 11.36 -44.99 38.63
N PRO A 441 11.46 -45.62 39.81
CA PRO A 441 11.70 -44.83 41.04
C PRO A 441 12.97 -44.00 40.98
N GLU A 442 14.02 -44.51 40.35
CA GLU A 442 15.27 -43.76 40.26
C GLU A 442 15.12 -42.51 39.41
N TYR A 443 14.47 -42.64 38.25
CA TYR A 443 14.40 -41.57 37.26
C TYR A 443 13.04 -40.89 37.19
N ARG A 444 12.14 -41.16 38.13
CA ARG A 444 10.84 -40.49 38.11
C ARG A 444 10.99 -39.00 38.35
N ARG A 445 11.72 -38.63 39.40
CA ARG A 445 11.89 -37.21 39.74
C ARG A 445 12.62 -36.46 38.64
N ILE A 446 13.75 -37.00 38.19
CA ILE A 446 14.51 -36.35 37.12
C ILE A 446 13.65 -36.21 35.87
N THR A 447 12.91 -37.27 35.53
CA THR A 447 12.10 -37.24 34.32
C THR A 447 10.99 -36.19 34.41
N LEU A 448 10.33 -36.07 35.57
CA LEU A 448 9.28 -35.07 35.69
C LEU A 448 9.84 -33.65 35.65
N MET A 449 10.97 -33.43 36.32
CA MET A 449 11.62 -32.12 36.25
C MET A 449 11.97 -31.78 34.80
N MET A 450 12.50 -32.76 34.07
CA MET A 450 12.89 -32.50 32.68
C MET A 450 11.67 -32.26 31.81
N MET A 451 10.59 -33.01 32.02
CA MET A 451 9.38 -32.78 31.24
C MET A 451 8.90 -31.35 31.44
N GLY A 452 8.83 -30.89 32.68
CA GLY A 452 8.42 -29.53 32.94
C GLY A 452 9.35 -28.51 32.32
N VAL A 453 10.66 -28.71 32.48
CA VAL A 453 11.63 -27.75 31.96
C VAL A 453 11.53 -27.65 30.45
N TRP A 454 11.56 -28.79 29.77
CA TRP A 454 11.51 -28.79 28.31
C TRP A 454 10.21 -28.15 27.82
N PHE A 455 9.07 -28.53 28.42
CA PHE A 455 7.80 -27.98 27.98
C PHE A 455 7.78 -26.47 28.13
N THR A 456 8.12 -25.96 29.31
CA THR A 456 8.02 -24.53 29.55
C THR A 456 8.97 -23.75 28.64
N MET A 457 10.22 -24.19 28.56
CA MET A 457 11.19 -23.47 27.74
C MET A 457 10.77 -23.45 26.27
N SER A 458 10.33 -24.60 25.75
CA SER A 458 9.93 -24.67 24.36
C SER A 458 8.73 -23.78 24.10
N PHE A 459 7.73 -23.87 24.98
CA PHE A 459 6.52 -23.05 24.83
C PHE A 459 6.88 -21.58 24.70
N SER A 460 7.67 -21.07 25.65
CA SER A 460 8.00 -19.65 25.64
C SER A 460 8.84 -19.28 24.41
N TYR A 461 9.89 -20.06 24.14
CA TYR A 461 10.80 -19.71 23.06
C TYR A 461 10.08 -19.67 21.72
N TYR A 462 9.31 -20.72 21.41
CA TYR A 462 8.64 -20.74 20.11
C TYR A 462 7.54 -19.68 20.03
N GLY A 463 6.80 -19.48 21.12
CA GLY A 463 5.79 -18.44 21.10
C GLY A 463 6.38 -17.09 20.77
N LEU A 464 7.49 -16.74 21.40
CA LEU A 464 8.08 -15.43 21.14
C LEU A 464 8.71 -15.36 19.76
N THR A 465 9.45 -16.40 19.35
CA THR A 465 10.15 -16.32 18.09
C THR A 465 9.20 -16.29 16.91
N VAL A 466 7.95 -16.77 17.07
CA VAL A 466 6.95 -16.58 16.02
C VAL A 466 6.09 -15.34 16.25
N TRP A 467 6.07 -14.80 17.46
CA TRP A 467 5.32 -13.59 17.74
C TRP A 467 6.02 -12.35 17.22
N PHE A 468 7.35 -12.34 17.23
CA PHE A 468 8.08 -11.15 16.78
C PHE A 468 7.82 -10.82 15.31
N PRO A 469 8.00 -11.74 14.35
CA PRO A 469 7.75 -11.37 12.95
C PRO A 469 6.31 -10.95 12.70
N ASP A 470 5.35 -11.58 13.39
CA ASP A 470 3.96 -11.20 13.23
C ASP A 470 3.74 -9.76 13.68
N MET A 471 4.38 -9.36 14.77
CA MET A 471 4.25 -7.98 15.21
C MET A 471 4.88 -7.03 14.22
N ILE A 472 6.02 -7.40 13.63
CA ILE A 472 6.62 -6.54 12.61
C ILE A 472 5.66 -6.38 11.44
N ARG A 473 5.05 -7.48 11.01
CA ARG A 473 4.10 -7.43 9.90
C ARG A 473 2.90 -6.54 10.23
N HIS A 474 2.36 -6.67 11.44
CA HIS A 474 1.19 -5.88 11.83
C HIS A 474 1.54 -4.39 11.92
N LEU A 475 2.71 -4.07 12.47
CA LEU A 475 3.12 -2.67 12.56
C LEU A 475 3.31 -2.08 11.17
N GLN A 476 3.87 -2.86 10.25
CA GLN A 476 3.95 -2.43 8.86
C GLN A 476 2.57 -2.21 8.27
N ALA A 477 1.62 -3.07 8.61
CA ALA A 477 0.25 -2.90 8.11
C ALA A 477 -0.35 -1.59 8.60
N VAL A 478 -0.10 -1.25 9.86
CA VAL A 478 -0.60 0.01 10.39
C VAL A 478 0.03 1.19 9.63
N ASP A 479 1.33 1.11 9.37
CA ASP A 479 1.97 2.16 8.58
C ASP A 479 1.35 2.27 7.20
N TYR A 480 1.08 1.12 6.56
CA TYR A 480 0.47 1.11 5.24
C TYR A 480 -0.90 1.78 5.26
N ALA A 481 -1.70 1.48 6.26
CA ALA A 481 -3.00 2.13 6.39
C ALA A 481 -2.84 3.63 6.58
N ALA A 482 -1.85 4.04 7.38
CA ALA A 482 -1.60 5.46 7.59
C ALA A 482 -1.00 6.15 6.37
N ARG A 483 -0.58 5.40 5.37
CA ARG A 483 -0.03 5.97 4.14
C ARG A 483 -1.05 6.11 3.02
N THR A 484 -2.29 5.69 3.23
CA THR A 484 -3.28 5.72 2.17
C THR A 484 -3.67 7.15 1.83
N LYS A 485 -4.12 7.34 0.59
CA LYS A 485 -4.56 8.64 0.10
C LYS A 485 -5.95 8.50 -0.51
N VAL A 486 -6.77 9.52 -0.31
CA VAL A 486 -8.18 9.51 -0.69
C VAL A 486 -8.42 10.53 -1.80
N PHE A 487 -9.32 10.18 -2.72
CA PHE A 487 -9.67 11.02 -3.86
C PHE A 487 -11.18 11.18 -3.88
N PRO A 488 -11.72 12.30 -3.42
CA PRO A 488 -13.17 12.48 -3.44
C PRO A 488 -13.68 13.23 -4.66
N GLY A 489 -14.89 12.88 -5.07
CA GLY A 489 -15.64 13.64 -6.05
C GLY A 489 -15.02 13.86 -7.41
N GLU A 490 -14.48 12.82 -8.03
CA GLU A 490 -13.92 12.94 -9.37
C GLU A 490 -14.99 12.65 -10.42
N ARG A 491 -15.00 13.44 -11.49
CA ARG A 491 -15.88 13.24 -12.62
C ARG A 491 -15.03 13.06 -13.87
N VAL A 492 -15.19 11.91 -14.53
CA VAL A 492 -14.45 11.57 -15.73
C VAL A 492 -15.44 11.19 -16.81
N GLU A 493 -15.24 11.69 -18.01
CA GLU A 493 -16.10 11.38 -19.14
C GLU A 493 -15.27 11.22 -20.41
N HIS A 494 -15.59 10.18 -21.18
CA HIS A 494 -14.96 9.91 -22.47
C HIS A 494 -13.44 9.93 -22.36
N VAL A 495 -12.92 9.17 -21.40
CA VAL A 495 -11.49 9.07 -21.16
C VAL A 495 -11.11 7.60 -21.06
N THR A 496 -9.90 7.28 -21.51
CA THR A 496 -9.35 5.94 -21.40
C THR A 496 -8.17 5.95 -20.42
N PHE A 497 -7.98 4.83 -19.72
CA PHE A 497 -6.95 4.73 -18.69
C PHE A 497 -6.24 3.39 -18.73
N ASN A 498 -4.93 3.41 -18.54
CA ASN A 498 -4.13 2.18 -18.42
C ASN A 498 -2.99 2.32 -17.41
N PHE A 499 -3.24 2.92 -16.23
CA PHE A 499 -2.14 3.25 -15.33
C PHE A 499 -2.37 2.60 -13.97
N THR A 500 -1.37 1.84 -13.50
CA THR A 500 -1.46 1.07 -12.27
C THR A 500 -1.67 1.98 -11.07
N LEU A 501 -2.54 1.56 -10.15
CA LEU A 501 -2.88 2.31 -8.95
C LEU A 501 -2.58 1.44 -7.74
N GLU A 502 -2.19 2.06 -6.63
CA GLU A 502 -1.82 1.31 -5.44
C GLU A 502 -2.11 2.11 -4.19
N ASN A 503 -2.70 1.45 -3.19
CA ASN A 503 -2.98 2.02 -1.87
C ASN A 503 -3.70 3.36 -1.99
N GLN A 504 -4.88 3.32 -2.61
CA GLN A 504 -5.68 4.52 -2.82
C GLN A 504 -7.14 4.21 -2.54
N ILE A 505 -7.88 5.25 -2.17
CA ILE A 505 -9.33 5.20 -2.03
C ILE A 505 -9.92 6.24 -2.96
N HIS A 506 -10.96 5.87 -3.70
CA HIS A 506 -11.67 6.78 -4.59
C HIS A 506 -13.13 6.79 -4.14
N ARG A 507 -13.58 7.94 -3.63
CA ARG A 507 -14.88 8.05 -3.01
C ARG A 507 -15.77 9.01 -3.79
N GLY A 508 -17.00 8.58 -4.06
CA GLY A 508 -18.00 9.46 -4.64
C GLY A 508 -17.67 10.00 -6.02
N GLY A 509 -17.07 9.18 -6.87
CA GLY A 509 -16.76 9.58 -8.22
C GLY A 509 -17.85 9.16 -9.19
N GLN A 510 -17.84 9.81 -10.35
CA GLN A 510 -18.77 9.50 -11.44
C GLN A 510 -17.98 9.32 -12.71
N TYR A 511 -18.17 8.18 -13.37
CA TYR A 511 -17.45 7.83 -14.59
C TYR A 511 -18.47 7.45 -15.65
N PHE A 512 -18.56 8.25 -16.70
CA PHE A 512 -19.51 8.03 -17.79
C PHE A 512 -18.75 7.77 -19.07
N ASN A 513 -19.00 6.62 -19.69
CA ASN A 513 -18.42 6.27 -20.98
C ASN A 513 -16.89 6.29 -20.93
N ASP A 514 -16.35 5.51 -19.99
CA ASP A 514 -14.92 5.42 -19.76
C ASP A 514 -14.43 4.02 -20.07
N LYS A 515 -13.25 3.94 -20.68
CA LYS A 515 -12.62 2.67 -21.05
C LYS A 515 -11.42 2.44 -20.16
N PHE A 516 -11.36 1.29 -19.50
CA PHE A 516 -10.27 0.93 -18.61
C PHE A 516 -9.63 -0.33 -19.15
N ILE A 517 -8.45 -0.19 -19.75
CA ILE A 517 -7.79 -1.28 -20.47
C ILE A 517 -6.40 -1.47 -19.88
N GLY A 518 -6.06 -2.72 -19.57
CA GLY A 518 -4.77 -3.03 -19.02
C GLY A 518 -4.53 -2.34 -17.69
N LEU A 519 -5.51 -2.41 -16.81
CA LEU A 519 -5.48 -1.74 -15.52
C LEU A 519 -5.09 -2.71 -14.43
N ARG A 520 -4.08 -2.35 -13.64
CA ARG A 520 -3.59 -3.14 -12.53
C ARG A 520 -3.84 -2.36 -11.24
N LEU A 521 -4.46 -3.02 -10.25
CA LEU A 521 -4.82 -2.37 -9.00
C LEU A 521 -4.35 -3.21 -7.83
N LYS A 522 -3.85 -2.53 -6.80
CA LYS A 522 -3.37 -3.18 -5.57
C LYS A 522 -3.83 -2.36 -4.37
N SER A 523 -4.60 -2.98 -3.48
CA SER A 523 -5.08 -2.30 -2.27
C SER A 523 -5.83 -1.03 -2.62
N VAL A 524 -6.62 -1.07 -3.69
CA VAL A 524 -7.40 0.06 -4.17
C VAL A 524 -8.86 -0.20 -3.82
N SER A 525 -9.53 0.83 -3.31
CA SER A 525 -10.92 0.74 -2.89
C SER A 525 -11.74 1.82 -3.57
N PHE A 526 -12.99 1.49 -3.91
CA PHE A 526 -13.94 2.41 -4.52
C PHE A 526 -15.19 2.43 -3.67
N GLU A 527 -15.58 3.61 -3.20
CA GLU A 527 -16.77 3.78 -2.38
C GLU A 527 -17.70 4.81 -2.99
N ASP A 528 -19.00 4.51 -2.95
CA ASP A 528 -20.05 5.44 -3.35
C ASP A 528 -19.87 5.95 -4.78
N SER A 529 -19.20 5.19 -5.63
CA SER A 529 -18.94 5.63 -6.99
C SER A 529 -20.11 5.26 -7.90
N LEU A 530 -20.02 5.66 -9.16
CA LEU A 530 -21.05 5.38 -10.14
C LEU A 530 -20.38 5.18 -11.49
N PHE A 531 -20.68 4.07 -12.15
CA PHE A 531 -20.14 3.73 -13.45
C PHE A 531 -21.30 3.54 -14.41
N GLU A 532 -21.22 4.21 -15.56
CA GLU A 532 -22.30 4.17 -16.55
C GLU A 532 -21.68 4.11 -17.94
N GLU A 533 -22.01 3.04 -18.68
CA GLU A 533 -21.54 2.87 -20.05
C GLU A 533 -20.03 2.71 -20.12
N CYS A 534 -19.42 2.18 -19.06
CA CYS A 534 -17.98 2.02 -19.02
C CYS A 534 -17.59 0.69 -19.66
N TYR A 535 -16.29 0.41 -19.69
CA TYR A 535 -15.78 -0.79 -20.34
C TYR A 535 -14.45 -1.16 -19.69
N PHE A 536 -14.41 -2.28 -19.00
CA PHE A 536 -13.18 -2.82 -18.43
C PHE A 536 -12.61 -3.85 -19.38
N GLU A 537 -11.29 -3.98 -19.41
CA GLU A 537 -10.64 -4.99 -20.24
C GLU A 537 -9.28 -5.32 -19.68
N ASP A 538 -9.07 -6.58 -19.29
CA ASP A 538 -7.77 -7.03 -18.80
C ASP A 538 -7.33 -6.27 -17.55
N VAL A 539 -8.01 -6.49 -16.43
CA VAL A 539 -7.71 -5.81 -15.18
C VAL A 539 -7.27 -6.82 -14.13
N THR A 540 -6.12 -6.59 -13.53
CA THR A 540 -5.65 -7.35 -12.38
C THR A 540 -5.96 -6.55 -11.12
N SER A 541 -6.29 -7.25 -10.04
CA SER A 541 -6.72 -6.54 -8.84
C SER A 541 -6.44 -7.38 -7.61
N SER A 542 -5.62 -6.85 -6.71
CA SER A 542 -5.38 -7.43 -5.40
C SER A 542 -5.93 -6.49 -4.34
N ASN A 543 -6.75 -7.04 -3.42
CA ASN A 543 -7.31 -6.25 -2.34
C ASN A 543 -8.10 -5.07 -2.87
N THR A 544 -8.73 -5.24 -4.02
CA THR A 544 -9.54 -4.19 -4.63
C THR A 544 -11.02 -4.52 -4.41
N PHE A 545 -11.79 -3.49 -4.07
CA PHE A 545 -13.19 -3.69 -3.73
C PHE A 545 -14.04 -2.59 -4.35
N PHE A 546 -15.36 -2.80 -4.29
CA PHE A 546 -16.35 -1.87 -4.81
C PHE A 546 -17.48 -1.83 -3.79
N ARG A 547 -17.52 -0.77 -2.98
CA ARG A 547 -18.48 -0.65 -1.89
C ARG A 547 -19.52 0.42 -2.22
N ASN A 548 -20.79 0.01 -2.25
CA ASN A 548 -21.89 0.94 -2.51
C ASN A 548 -21.78 1.58 -3.89
N CYS A 549 -21.26 0.82 -4.85
CA CYS A 549 -21.07 1.31 -6.20
C CYS A 549 -22.23 0.85 -7.10
N THR A 550 -22.46 1.60 -8.17
CA THR A 550 -23.52 1.33 -9.12
C THR A 550 -22.94 1.18 -10.50
N PHE A 551 -23.36 0.13 -11.22
CA PHE A 551 -22.90 -0.14 -12.58
C PHE A 551 -24.10 -0.25 -13.49
N ILE A 552 -24.06 0.48 -14.61
CA ILE A 552 -25.14 0.46 -15.60
C ILE A 552 -24.53 0.37 -16.98
N ASN A 553 -24.95 -0.63 -17.74
CA ASN A 553 -24.50 -0.84 -19.12
C ASN A 553 -22.97 -0.93 -19.20
N THR A 554 -22.37 -1.62 -18.24
CA THR A 554 -20.93 -1.80 -18.20
C THR A 554 -20.57 -3.22 -18.63
N VAL A 555 -19.40 -3.36 -19.23
CA VAL A 555 -18.92 -4.65 -19.72
C VAL A 555 -17.59 -4.97 -19.04
N PHE A 556 -17.47 -6.21 -18.57
CA PHE A 556 -16.24 -6.69 -17.94
C PHE A 556 -15.67 -7.80 -18.82
N TYR A 557 -14.54 -7.52 -19.47
CA TYR A 557 -13.94 -8.43 -20.43
C TYR A 557 -12.57 -8.85 -19.94
N ASN A 558 -12.37 -10.17 -19.77
CA ASN A 558 -11.08 -10.71 -19.36
C ASN A 558 -10.60 -10.08 -18.05
N THR A 559 -11.48 -10.05 -17.07
CA THR A 559 -11.24 -9.34 -15.83
C THR A 559 -10.94 -10.28 -14.67
N ASP A 560 -10.31 -9.72 -13.65
CA ASP A 560 -10.02 -10.40 -12.40
C ASP A 560 -11.11 -10.15 -11.36
N LEU A 561 -12.15 -9.42 -11.73
CA LEU A 561 -13.19 -9.02 -10.78
C LEU A 561 -14.07 -10.22 -10.47
N PHE A 562 -14.04 -10.68 -9.22
CA PHE A 562 -14.84 -11.80 -8.76
C PHE A 562 -16.10 -11.30 -8.08
N GLU A 563 -16.94 -12.24 -7.66
CA GLU A 563 -18.20 -11.88 -7.02
C GLU A 563 -17.95 -11.15 -5.69
N TYR A 564 -16.98 -11.60 -4.91
CA TYR A 564 -16.74 -11.00 -3.61
C TYR A 564 -16.10 -9.62 -3.70
N LYS A 565 -15.66 -9.21 -4.89
CA LYS A 565 -15.10 -7.87 -5.07
C LYS A 565 -16.16 -6.77 -5.03
N PHE A 566 -17.44 -7.11 -5.08
CA PHE A 566 -18.53 -6.15 -5.12
C PHE A 566 -19.27 -6.23 -3.79
N VAL A 567 -18.97 -5.29 -2.90
CA VAL A 567 -19.55 -5.27 -1.55
C VAL A 567 -20.59 -4.17 -1.51
N ASN A 568 -21.86 -4.57 -1.42
CA ASN A 568 -23.00 -3.67 -1.24
C ASN A 568 -23.34 -2.89 -2.50
N SER A 569 -22.96 -3.39 -3.67
CA SER A 569 -23.18 -2.70 -4.92
C SER A 569 -24.44 -3.20 -5.61
N ARG A 570 -24.69 -2.74 -6.83
CA ARG A 570 -25.75 -3.27 -7.65
C ARG A 570 -25.40 -3.01 -9.11
N LEU A 571 -25.57 -4.02 -9.95
CA LEU A 571 -25.20 -3.96 -11.35
C LEU A 571 -26.45 -4.14 -12.21
N VAL A 572 -26.66 -3.22 -13.15
CA VAL A 572 -27.84 -3.22 -14.01
C VAL A 572 -27.37 -3.30 -15.46
N ASN A 573 -27.80 -4.34 -16.17
CA ASN A 573 -27.48 -4.54 -17.58
C ASN A 573 -25.98 -4.57 -17.83
N SER A 574 -25.21 -5.02 -16.85
CA SER A 574 -23.78 -5.22 -17.04
C SER A 574 -23.54 -6.66 -17.49
N THR A 575 -22.29 -6.95 -17.84
CA THR A 575 -21.96 -8.25 -18.39
C THR A 575 -20.51 -8.60 -18.10
N PHE A 576 -20.27 -9.88 -17.80
CA PHE A 576 -18.94 -10.42 -17.62
C PHE A 576 -18.67 -11.37 -18.79
N LEU A 577 -17.59 -11.12 -19.51
CA LEU A 577 -17.23 -11.94 -20.67
C LEU A 577 -15.75 -12.29 -20.59
N HIS A 578 -15.42 -13.48 -21.07
CA HIS A 578 -14.03 -13.95 -21.07
C HIS A 578 -13.44 -13.87 -19.66
N ASN A 579 -14.22 -14.32 -18.70
CA ASN A 579 -13.84 -14.21 -17.30
C ASN A 579 -12.52 -14.92 -17.06
N LYS A 580 -11.54 -14.17 -16.59
CA LYS A 580 -10.17 -14.67 -16.47
C LYS A 580 -10.11 -15.83 -15.49
N GLU A 581 -9.47 -16.92 -15.91
CA GLU A 581 -9.29 -18.08 -15.06
C GLU A 581 -8.18 -17.82 -14.06
N GLY A 582 -8.24 -18.52 -12.93
CA GLY A 582 -7.22 -18.40 -11.92
C GLY A 582 -7.75 -18.81 -10.56
N CYS A 583 -6.89 -18.65 -9.56
CA CYS A 583 -7.29 -18.95 -8.20
C CYS A 583 -8.39 -17.96 -7.80
N PRO A 584 -9.57 -18.43 -7.37
CA PRO A 584 -10.56 -17.46 -6.88
C PRO A 584 -10.10 -16.77 -5.62
N LEU A 585 -9.63 -17.54 -4.64
CA LEU A 585 -9.05 -16.97 -3.44
C LEU A 585 -8.08 -15.83 -3.75
N ASP A 586 -8.25 -14.74 -3.02
CA ASP A 586 -7.46 -13.54 -3.19
C ASP A 586 -6.28 -13.57 -2.22
N VAL A 587 -5.54 -12.47 -2.14
CA VAL A 587 -4.35 -12.40 -1.29
C VAL A 587 -3.36 -13.45 -1.76
N THR A 588 -3.44 -13.80 -3.05
CA THR A 588 -2.56 -14.81 -3.64
C THR A 588 -1.64 -14.20 -4.69
N GLY A 589 -1.35 -12.91 -4.57
CA GLY A 589 -0.42 -12.27 -5.49
C GLY A 589 0.90 -13.00 -5.51
N THR A 590 1.51 -13.14 -6.68
CA THR A 590 2.72 -13.94 -6.81
C THR A 590 3.80 -13.46 -5.85
N GLY A 591 4.05 -12.16 -5.82
CA GLY A 591 5.12 -11.60 -5.00
C GLY A 591 4.65 -10.78 -3.82
N GLU A 592 4.89 -11.29 -2.62
CA GLU A 592 4.64 -10.59 -1.37
C GLU A 592 5.96 -10.04 -0.83
N GLY A 593 5.86 -9.13 0.12
CA GLY A 593 7.05 -8.53 0.70
C GLY A 593 7.80 -9.48 1.62
N ALA A 594 8.41 -10.52 1.03
CA ALA A 594 9.08 -11.56 1.80
C ALA A 594 10.55 -11.29 2.06
N TYR A 595 11.13 -10.23 1.46
CA TYR A 595 12.53 -9.93 1.72
C TYR A 595 12.76 -9.69 3.21
N MET A 596 11.85 -8.96 3.85
CA MET A 596 11.98 -8.68 5.27
C MET A 596 12.03 -9.97 6.08
N VAL A 597 11.28 -10.98 5.65
CA VAL A 597 11.31 -12.27 6.33
C VAL A 597 12.71 -12.86 6.30
N TYR A 598 13.37 -12.83 5.13
CA TYR A 598 14.69 -13.42 4.99
C TYR A 598 15.69 -12.72 5.89
N PHE A 599 15.73 -11.38 5.84
CA PHE A 599 16.70 -10.62 6.62
C PHE A 599 16.43 -10.77 8.11
N VAL A 600 15.16 -10.75 8.51
CA VAL A 600 14.81 -10.92 9.92
C VAL A 600 15.29 -12.27 10.43
N SER A 601 15.02 -13.32 9.66
CA SER A 601 15.46 -14.65 10.06
C SER A 601 16.98 -14.74 10.08
N PHE A 602 17.64 -14.10 9.14
CA PHE A 602 19.11 -14.12 9.09
C PHE A 602 19.70 -13.46 10.33
N LEU A 603 19.19 -12.29 10.70
CA LEU A 603 19.66 -11.63 11.92
C LEU A 603 19.36 -12.47 13.16
N GLY A 604 18.14 -13.01 13.25
CA GLY A 604 17.81 -13.82 14.40
C GLY A 604 18.71 -15.04 14.53
N THR A 605 19.07 -15.64 13.40
CA THR A 605 19.98 -16.78 13.42
C THR A 605 21.37 -16.37 13.83
N LEU A 606 21.87 -15.24 13.33
CA LEU A 606 23.18 -14.77 13.75
C LEU A 606 23.22 -14.38 15.22
N ALA A 607 22.07 -14.02 15.80
CA ALA A 607 22.05 -13.61 17.19
C ALA A 607 22.49 -14.71 18.15
N VAL A 608 22.47 -15.98 17.71
CA VAL A 608 22.81 -17.08 18.60
C VAL A 608 24.30 -17.38 18.64
N LEU A 609 25.10 -16.79 17.76
CA LEU A 609 26.53 -17.07 17.75
C LEU A 609 27.23 -16.70 19.04
N PRO A 610 27.12 -15.47 19.56
CA PRO A 610 27.79 -15.16 20.83
C PRO A 610 27.31 -16.04 21.98
N GLY A 611 26.00 -16.34 22.01
CA GLY A 611 25.49 -17.23 23.02
C GLY A 611 26.08 -18.62 22.92
N ASN A 612 26.20 -19.15 21.69
CA ASN A 612 26.82 -20.44 21.50
C ASN A 612 28.25 -20.44 21.99
N ILE A 613 29.01 -19.38 21.67
CA ILE A 613 30.41 -19.34 22.06
C ILE A 613 30.54 -19.29 23.58
N VAL A 614 29.81 -18.38 24.22
CA VAL A 614 29.93 -18.24 25.68
C VAL A 614 29.49 -19.52 26.37
N SER A 615 28.38 -20.12 25.92
CA SER A 615 27.90 -21.33 26.55
C SER A 615 28.91 -22.46 26.38
N ALA A 616 29.48 -22.61 25.18
CA ALA A 616 30.45 -23.67 24.97
C ALA A 616 31.68 -23.47 25.85
N LEU A 617 32.14 -22.22 25.97
CA LEU A 617 33.34 -21.98 26.76
C LEU A 617 33.10 -22.15 28.25
N LEU A 618 31.90 -21.81 28.74
CA LEU A 618 31.65 -21.76 30.18
C LEU A 618 30.79 -22.90 30.71
N MET A 619 30.39 -23.87 29.88
CA MET A 619 29.57 -24.97 30.39
C MET A 619 30.31 -25.76 31.45
N ASP A 620 31.59 -26.07 31.21
CA ASP A 620 32.35 -26.92 32.11
C ASP A 620 33.00 -26.16 33.24
N LYS A 621 32.96 -24.82 33.22
CA LYS A 621 33.44 -24.00 34.32
C LYS A 621 32.29 -23.62 35.24
N ILE A 622 31.25 -22.99 34.70
CA ILE A 622 30.10 -22.59 35.52
C ILE A 622 29.30 -23.81 35.94
N GLY A 623 29.11 -24.76 35.03
CA GLY A 623 28.28 -25.93 35.25
C GLY A 623 27.01 -25.89 34.42
N ARG A 624 26.44 -27.08 34.21
CA ARG A 624 25.23 -27.18 33.40
C ARG A 624 24.06 -26.50 34.08
N LEU A 625 23.83 -26.84 35.35
CA LEU A 625 22.66 -26.33 36.07
C LEU A 625 22.70 -24.82 36.19
N ARG A 626 23.85 -24.27 36.60
CA ARG A 626 23.94 -22.83 36.84
C ARG A 626 23.76 -22.06 35.54
N MET A 627 24.40 -22.50 34.46
CA MET A 627 24.23 -21.82 33.19
C MET A 627 22.79 -21.89 32.72
N LEU A 628 22.16 -23.06 32.83
CA LEU A 628 20.77 -23.20 32.44
C LEU A 628 19.89 -22.23 33.19
N ALA A 629 20.01 -22.22 34.53
CA ALA A 629 19.16 -21.36 35.35
C ALA A 629 19.42 -19.88 35.07
N GLY A 630 20.68 -19.50 34.93
CA GLY A 630 21.00 -18.10 34.68
C GLY A 630 20.43 -17.62 33.36
N SER A 631 20.62 -18.41 32.30
CA SER A 631 20.09 -18.01 31.01
C SER A 631 18.56 -17.99 31.02
N SER A 632 17.94 -18.94 31.70
CA SER A 632 16.48 -18.96 31.76
C SER A 632 15.93 -17.74 32.48
N VAL A 633 16.52 -17.38 33.63
CA VAL A 633 16.01 -16.23 34.36
C VAL A 633 16.30 -14.95 33.60
N MET A 634 17.45 -14.86 32.93
CA MET A 634 17.76 -13.68 32.14
C MET A 634 16.76 -13.52 31.00
N SER A 635 16.39 -14.63 30.35
CA SER A 635 15.38 -14.56 29.29
C SER A 635 14.03 -14.16 29.86
N CYS A 636 13.67 -14.70 31.02
CA CYS A 636 12.41 -14.33 31.65
C CYS A 636 12.36 -12.84 31.93
N VAL A 637 13.47 -12.27 32.40
CA VAL A 637 13.52 -10.84 32.66
C VAL A 637 13.46 -10.06 31.35
N SER A 638 14.25 -10.49 30.36
CA SER A 638 14.31 -9.77 29.09
C SER A 638 12.94 -9.74 28.41
N CYS A 639 12.10 -10.74 28.68
CA CYS A 639 10.75 -10.72 28.12
C CYS A 639 9.97 -9.48 28.56
N PHE A 640 10.24 -8.97 29.76
CA PHE A 640 9.52 -7.81 30.26
C PHE A 640 9.76 -6.57 29.41
N PHE A 641 10.89 -6.51 28.71
CA PHE A 641 11.23 -5.39 27.85
C PHE A 641 10.46 -5.41 26.53
N LEU A 642 9.50 -6.32 26.36
CA LEU A 642 8.76 -6.39 25.10
C LEU A 642 8.02 -5.09 24.82
N SER A 643 7.38 -4.51 25.84
CA SER A 643 6.62 -3.29 25.65
C SER A 643 7.51 -2.08 25.38
N PHE A 644 8.78 -2.12 25.80
CA PHE A 644 9.67 -0.98 25.62
C PHE A 644 9.97 -0.69 24.15
N GLY A 645 9.69 -1.62 23.25
CA GLY A 645 9.89 -1.41 21.82
C GLY A 645 8.59 -1.53 21.05
N ASN A 646 8.10 -0.41 20.52
CA ASN A 646 6.86 -0.37 19.76
C ASN A 646 7.08 0.00 18.30
N SER A 647 8.32 0.18 17.87
CA SER A 647 8.66 0.50 16.50
C SER A 647 9.20 -0.73 15.78
N GLU A 648 9.16 -0.68 14.44
CA GLU A 648 9.72 -1.78 13.66
C GLU A 648 11.20 -1.94 13.92
N SER A 649 11.89 -0.87 14.30
CA SER A 649 13.31 -0.93 14.57
C SER A 649 13.60 -1.61 15.91
N ALA A 650 12.73 -1.40 16.89
CA ALA A 650 12.94 -1.99 18.21
C ALA A 650 12.67 -3.48 18.21
N MET A 651 11.73 -3.94 17.40
CA MET A 651 11.38 -5.35 17.41
C MET A 651 12.54 -6.22 16.95
N ILE A 652 13.34 -5.72 15.99
CA ILE A 652 14.50 -6.49 15.53
C ILE A 652 15.51 -6.62 16.66
N ALA A 653 15.75 -5.52 17.39
CA ALA A 653 16.68 -5.56 18.50
C ALA A 653 16.21 -6.53 19.56
N LEU A 654 14.92 -6.49 19.88
CA LEU A 654 14.36 -7.38 20.88
C LEU A 654 14.46 -8.83 20.43
N LEU A 655 14.20 -9.09 19.15
CA LEU A 655 14.30 -10.45 18.63
C LEU A 655 15.72 -10.98 18.75
N CYS A 656 16.71 -10.19 18.34
CA CYS A 656 18.09 -10.62 18.46
C CYS A 656 18.47 -10.81 19.92
N LEU A 657 18.00 -9.94 20.80
CA LEU A 657 18.32 -10.06 22.22
C LEU A 657 17.76 -11.34 22.81
N PHE A 658 16.47 -11.61 22.58
CA PHE A 658 15.86 -12.81 23.14
C PHE A 658 16.47 -14.07 22.56
N GLY A 659 16.72 -14.09 21.24
CA GLY A 659 17.31 -15.27 20.63
C GLY A 659 18.72 -15.54 21.11
N GLY A 660 19.55 -14.50 21.18
CA GLY A 660 20.94 -14.68 21.54
C GLY A 660 21.19 -14.90 23.00
N VAL A 661 20.28 -14.43 23.87
CA VAL A 661 20.44 -14.59 25.31
C VAL A 661 19.75 -15.84 25.83
N SER A 662 18.95 -16.52 25.01
CA SER A 662 18.28 -17.75 25.40
C SER A 662 18.90 -19.00 24.82
N ILE A 663 19.80 -18.89 23.84
CA ILE A 663 20.35 -20.08 23.20
C ILE A 663 21.17 -20.89 24.19
N ALA A 664 21.86 -20.22 25.12
CA ALA A 664 22.65 -20.95 26.10
C ALA A 664 21.78 -21.90 26.90
N SER A 665 20.60 -21.43 27.32
CA SER A 665 19.64 -22.27 28.04
C SER A 665 19.34 -23.55 27.28
N TRP A 666 19.34 -23.49 25.95
CA TRP A 666 19.10 -24.70 25.17
C TRP A 666 20.30 -25.63 25.21
N ASN A 667 21.51 -25.09 25.02
CA ASN A 667 22.71 -25.93 25.01
C ASN A 667 22.86 -26.67 26.32
N ALA A 668 22.76 -25.93 27.43
CA ALA A 668 22.84 -26.53 28.75
C ALA A 668 21.84 -27.65 28.91
N LEU A 669 20.69 -27.56 28.25
CA LEU A 669 19.70 -28.62 28.34
C LEU A 669 20.17 -29.86 27.60
N ASP A 670 20.66 -29.69 26.37
CA ASP A 670 21.06 -30.85 25.58
C ASP A 670 22.18 -31.62 26.27
N VAL A 671 23.15 -30.90 26.82
CA VAL A 671 24.23 -31.55 27.55
C VAL A 671 23.70 -32.16 28.85
N LEU A 672 22.74 -31.51 29.48
CA LEU A 672 22.28 -31.97 30.79
C LEU A 672 21.40 -33.21 30.68
N THR A 673 20.59 -33.29 29.63
CA THR A 673 19.76 -34.48 29.44
C THR A 673 20.60 -35.68 29.04
N VAL A 674 21.63 -35.45 28.23
CA VAL A 674 22.50 -36.54 27.79
C VAL A 674 23.20 -37.17 28.99
N GLU A 675 23.70 -36.35 29.91
CA GLU A 675 24.54 -36.82 31.00
C GLU A 675 23.75 -37.36 32.19
N LEU A 676 22.42 -37.32 32.15
CA LEU A 676 21.61 -37.69 33.31
C LEU A 676 20.95 -39.05 33.19
N TYR A 677 20.99 -39.68 32.02
CA TYR A 677 20.29 -40.93 31.79
C TYR A 677 21.26 -42.06 31.46
N PRO A 678 20.91 -43.31 31.78
CA PRO A 678 21.82 -44.42 31.45
C PRO A 678 21.98 -44.57 29.95
N SER A 679 23.11 -45.15 29.55
CA SER A 679 23.41 -45.26 28.13
C SER A 679 22.37 -46.09 27.39
N ASP A 680 21.72 -47.02 28.08
CA ASP A 680 20.67 -47.81 27.46
C ASP A 680 19.38 -47.02 27.27
N LYS A 681 19.22 -45.89 27.96
CA LYS A 681 18.01 -45.08 27.90
C LYS A 681 18.25 -43.65 27.45
N ARG A 682 19.48 -43.26 27.13
CA ARG A 682 19.74 -41.86 26.82
C ARG A 682 19.01 -41.43 25.56
N THR A 683 19.01 -42.26 24.51
CA THR A 683 18.38 -41.84 23.27
C THR A 683 16.85 -41.89 23.38
N THR A 684 16.32 -42.88 24.09
CA THR A 684 14.88 -42.95 24.29
C THR A 684 14.37 -41.75 25.08
N ALA A 685 15.01 -41.46 26.21
CA ALA A 685 14.57 -40.35 27.05
C ALA A 685 14.73 -39.02 26.34
N PHE A 686 15.86 -38.82 25.66
CA PHE A 686 16.08 -37.57 24.93
C PHE A 686 15.07 -37.43 23.79
N GLY A 687 14.74 -38.53 23.11
CA GLY A 687 13.74 -38.46 22.06
C GLY A 687 12.36 -38.12 22.59
N PHE A 688 11.98 -38.72 23.72
CA PHE A 688 10.70 -38.39 24.34
C PHE A 688 10.66 -36.91 24.73
N LEU A 689 11.75 -36.40 25.30
CA LEU A 689 11.78 -35.01 25.72
C LEU A 689 11.74 -34.06 24.51
N ASN A 690 12.42 -34.42 23.41
CA ASN A 690 12.35 -33.58 22.23
C ASN A 690 10.98 -33.62 21.58
N ALA A 691 10.30 -34.77 21.62
CA ALA A 691 8.93 -34.82 21.13
C ALA A 691 8.02 -33.91 21.96
N LEU A 692 8.22 -33.92 23.28
CA LEU A 692 7.48 -33.01 24.15
C LEU A 692 7.82 -31.56 23.81
N CYS A 693 9.08 -31.28 23.50
CA CYS A 693 9.48 -29.93 23.10
C CYS A 693 8.73 -29.49 21.85
N LYS A 694 8.61 -30.38 20.86
CA LYS A 694 7.93 -30.01 19.63
C LYS A 694 6.43 -29.83 19.87
N LEU A 695 5.84 -30.65 20.73
CA LEU A 695 4.43 -30.46 21.08
C LEU A 695 4.22 -29.10 21.74
N ALA A 696 5.08 -28.76 22.70
CA ALA A 696 4.96 -27.47 23.36
C ALA A 696 5.20 -26.34 22.38
N ALA A 697 6.08 -26.54 21.41
CA ALA A 697 6.31 -25.54 20.36
C ALA A 697 5.04 -25.31 19.56
N VAL A 698 4.35 -26.39 19.17
CA VAL A 698 3.10 -26.27 18.44
C VAL A 698 2.09 -25.47 19.25
N LEU A 699 1.92 -25.83 20.52
CA LEU A 699 0.95 -25.14 21.36
C LEU A 699 1.31 -23.66 21.54
N GLY A 700 2.59 -23.38 21.77
CA GLY A 700 3.01 -22.00 21.95
C GLY A 700 2.79 -21.17 20.71
N ILE A 701 3.10 -21.72 19.54
CA ILE A 701 2.84 -21.03 18.28
C ILE A 701 1.35 -20.72 18.16
N SER A 702 0.50 -21.73 18.39
CA SER A 702 -0.93 -21.55 18.25
C SER A 702 -1.44 -20.45 19.18
N ILE A 703 -1.04 -20.49 20.45
CA ILE A 703 -1.56 -19.51 21.40
C ILE A 703 -1.02 -18.11 21.09
N PHE A 704 0.29 -17.99 20.87
CA PHE A 704 0.88 -16.67 20.71
C PHE A 704 0.52 -16.02 19.39
N THR A 705 0.10 -16.78 18.37
CA THR A 705 -0.28 -16.17 17.12
C THR A 705 -1.59 -15.39 17.22
N SER A 706 -2.32 -15.51 18.33
CA SER A 706 -3.57 -14.80 18.54
C SER A 706 -3.40 -13.54 19.40
N PHE A 707 -2.18 -13.13 19.69
CA PHE A 707 -1.92 -11.96 20.51
C PHE A 707 -1.53 -10.73 19.70
N VAL A 708 -1.14 -10.89 18.44
CA VAL A 708 -0.64 -9.77 17.66
C VAL A 708 -1.77 -8.75 17.45
N GLY A 709 -1.50 -7.51 17.83
CA GLY A 709 -2.47 -6.44 17.73
C GLY A 709 -3.42 -6.34 18.90
N ILE A 710 -3.70 -7.46 19.57
CA ILE A 710 -4.66 -7.45 20.68
C ILE A 710 -4.13 -6.61 21.82
N THR A 711 -2.89 -6.86 22.24
CA THR A 711 -2.29 -6.15 23.37
C THR A 711 -0.80 -6.50 23.40
N LYS A 712 -0.13 -6.08 24.48
CA LYS A 712 1.27 -6.39 24.70
C LYS A 712 1.55 -6.99 26.06
N ALA A 713 0.59 -6.95 27.00
CA ALA A 713 0.82 -7.52 28.32
C ALA A 713 0.69 -9.04 28.30
N ALA A 714 -0.23 -9.58 27.52
CA ALA A 714 -0.46 -11.02 27.50
C ALA A 714 0.79 -11.83 27.13
N PRO A 715 1.48 -11.55 26.02
CA PRO A 715 2.69 -12.34 25.73
C PRO A 715 3.73 -12.22 26.83
N ILE A 716 3.88 -11.04 27.40
CA ILE A 716 4.84 -10.86 28.49
C ILE A 716 4.48 -11.75 29.66
N LEU A 717 3.20 -11.75 30.04
CA LEU A 717 2.78 -12.55 31.19
C LEU A 717 3.00 -14.03 30.92
N PHE A 718 2.54 -14.52 29.77
CA PHE A 718 2.63 -15.96 29.49
C PHE A 718 4.09 -16.40 29.43
N ALA A 719 4.92 -15.68 28.68
CA ALA A 719 6.29 -16.10 28.49
C ALA A 719 7.18 -15.82 29.69
N SER A 720 6.74 -14.95 30.61
CA SER A 720 7.49 -14.76 31.83
C SER A 720 7.14 -15.83 32.85
N ALA A 721 5.84 -16.14 32.95
CA ALA A 721 5.40 -17.18 33.87
C ALA A 721 5.98 -18.53 33.48
N ALA A 722 5.97 -18.85 32.18
CA ALA A 722 6.48 -20.14 31.75
C ALA A 722 7.97 -20.27 32.05
N LEU A 723 8.75 -19.23 31.76
CA LEU A 723 10.17 -19.29 32.04
C LEU A 723 10.45 -19.30 33.54
N ALA A 724 9.59 -18.67 34.34
CA ALA A 724 9.74 -18.77 35.79
C ALA A 724 9.51 -20.21 36.26
N LEU A 725 8.47 -20.86 35.75
CA LEU A 725 8.25 -22.26 36.06
C LEU A 725 9.45 -23.10 35.64
N GLY A 726 9.98 -22.83 34.45
CA GLY A 726 11.12 -23.57 33.96
C GLY A 726 12.35 -23.42 34.82
N SER A 727 12.65 -22.18 35.24
CA SER A 727 13.79 -21.96 36.10
C SER A 727 13.60 -22.62 37.46
N SER A 728 12.38 -22.53 38.01
CA SER A 728 12.11 -23.16 39.30
C SER A 728 12.35 -24.66 39.23
N LEU A 729 11.82 -25.32 38.20
CA LEU A 729 12.03 -26.75 38.07
C LEU A 729 13.47 -27.08 37.72
N ALA A 730 14.13 -26.22 36.96
CA ALA A 730 15.52 -26.47 36.58
C ALA A 730 16.42 -26.49 37.80
N LEU A 731 16.23 -25.56 38.72
CA LEU A 731 17.10 -25.47 39.89
C LEU A 731 17.06 -26.75 40.74
N LYS A 732 16.00 -27.54 40.61
CA LYS A 732 15.85 -28.77 41.38
C LYS A 732 16.43 -30.00 40.68
N LEU A 733 17.22 -29.79 39.60
CA LEU A 733 17.78 -30.91 38.85
C LEU A 733 19.14 -31.31 39.42
N PRO A 734 19.53 -32.60 39.31
CA PRO A 734 20.89 -33.00 39.74
C PRO A 734 21.98 -32.26 39.00
N GLU A 735 23.23 -32.50 39.38
CA GLU A 735 24.38 -31.97 38.70
C GLU A 735 25.14 -33.13 38.06
N THR A 736 25.68 -32.88 36.86
CA THR A 736 26.38 -33.90 36.10
C THR A 736 27.79 -33.50 35.71
N ARG A 737 28.24 -32.30 36.07
CA ARG A 737 29.60 -31.89 35.73
C ARG A 737 30.62 -32.75 36.45
N GLY A 738 31.67 -33.14 35.73
CA GLY A 738 32.74 -33.91 36.33
C GLY A 738 32.36 -35.28 36.80
N GLN A 739 31.27 -35.84 36.29
CA GLN A 739 30.83 -37.19 36.62
C GLN A 739 30.96 -38.07 35.39
N VAL A 740 31.40 -39.32 35.60
CA VAL A 740 31.56 -40.24 34.48
C VAL A 740 30.22 -40.45 33.81
N LEU A 741 30.25 -40.57 32.48
CA LEU A 741 29.04 -40.80 31.70
C LEU A 741 28.68 -42.27 31.80
N GLN A 742 27.48 -42.55 32.29
CA GLN A 742 27.03 -43.92 32.52
C GLN A 742 25.85 -44.27 31.63
N ASP B 30 14.81 55.15 -24.07
CA ASP B 30 14.66 53.87 -23.38
C ASP B 30 13.44 53.12 -23.91
N ILE B 31 13.18 51.94 -23.33
CA ILE B 31 12.02 51.15 -23.74
C ILE B 31 10.73 51.88 -23.44
N ASP B 32 10.65 52.52 -22.26
CA ASP B 32 9.44 53.24 -21.90
C ASP B 32 9.17 54.39 -22.87
N VAL B 33 10.22 55.11 -23.27
CA VAL B 33 10.03 56.22 -24.20
C VAL B 33 9.53 55.71 -25.54
N ILE B 34 10.10 54.61 -26.02
CA ILE B 34 9.67 54.03 -27.29
C ILE B 34 8.21 53.62 -27.21
N LEU B 35 7.81 53.01 -26.08
CA LEU B 35 6.43 52.59 -25.90
C LEU B 35 5.47 53.77 -25.80
N LYS B 36 5.88 54.86 -25.15
CA LYS B 36 5.00 56.01 -25.00
C LYS B 36 4.84 56.80 -26.31
N LYS B 37 5.95 57.06 -27.00
CA LYS B 37 5.91 57.85 -28.22
C LYS B 37 5.24 57.11 -29.37
N SER B 38 5.02 55.81 -29.25
CA SER B 38 4.46 55.00 -30.32
C SER B 38 2.96 54.76 -30.16
N THR B 39 2.30 55.46 -29.24
CA THR B 39 0.89 55.25 -28.98
C THR B 39 0.04 56.24 -29.78
N ILE B 40 -1.08 55.75 -30.30
CA ILE B 40 -2.00 56.57 -31.08
C ILE B 40 -3.37 56.56 -30.43
N LEU B 41 -3.68 55.50 -29.69
CA LEU B 41 -4.92 55.39 -28.94
C LEU B 41 -4.61 54.71 -27.62
N ASN B 42 -5.16 55.25 -26.53
CA ASN B 42 -4.91 54.69 -25.20
C ASN B 42 -6.12 55.02 -24.34
N LEU B 43 -7.01 54.05 -24.19
CA LEU B 43 -8.22 54.24 -23.41
C LEU B 43 -7.91 54.21 -21.92
N ASP B 44 -8.63 55.03 -21.16
CA ASP B 44 -8.50 55.07 -19.72
C ASP B 44 -9.84 55.45 -19.12
N ILE B 45 -10.18 54.81 -18.00
CA ILE B 45 -11.44 55.05 -17.31
C ILE B 45 -11.15 55.81 -16.02
N ASN B 46 -11.78 56.97 -15.86
CA ASN B 46 -11.69 57.73 -14.62
C ASN B 46 -13.00 58.48 -14.42
N ASN B 47 -13.43 58.57 -13.16
CA ASN B 47 -14.69 59.23 -12.81
C ASN B 47 -15.85 58.65 -13.58
N ASP B 48 -15.81 57.33 -13.81
CA ASP B 48 -16.85 56.62 -14.55
C ASP B 48 -16.97 57.14 -15.99
N ILE B 49 -15.85 57.55 -16.58
CA ILE B 49 -15.84 58.05 -17.96
C ILE B 49 -14.63 57.46 -18.67
N ILE B 50 -14.84 56.96 -19.88
CA ILE B 50 -13.79 56.41 -20.73
C ILE B 50 -13.30 57.50 -21.67
N SER B 51 -11.99 57.68 -21.78
CA SER B 51 -11.44 58.74 -22.61
C SER B 51 -10.07 58.34 -23.13
N ASP B 52 -9.64 59.02 -24.18
CA ASP B 52 -8.33 58.80 -24.77
C ASP B 52 -7.33 59.73 -24.10
N ILE B 53 -6.37 59.15 -23.38
CA ILE B 53 -5.37 59.90 -22.66
C ILE B 53 -3.99 59.78 -23.32
N SER B 54 -3.95 59.31 -24.57
CA SER B 54 -2.68 59.15 -25.27
C SER B 54 -2.11 60.46 -25.78
N GLY B 55 -2.89 61.54 -25.74
CA GLY B 55 -2.42 62.83 -26.23
C GLY B 55 -3.20 63.30 -27.44
N PHE B 56 -3.55 62.38 -28.32
CA PHE B 56 -4.33 62.70 -29.51
C PHE B 56 -5.81 62.68 -29.18
N ASN B 57 -6.50 63.78 -29.47
CA ASN B 57 -7.91 63.90 -29.19
C ASN B 57 -8.69 62.88 -30.01
N SER B 58 -9.29 61.89 -29.35
CA SER B 58 -10.08 60.85 -30.01
C SER B 58 -11.38 60.70 -29.25
N SER B 59 -12.47 61.21 -29.83
CA SER B 59 -13.77 61.14 -29.17
C SER B 59 -14.19 59.71 -28.94
N VAL B 60 -14.70 59.43 -27.75
CA VAL B 60 -15.16 58.09 -27.37
C VAL B 60 -16.64 58.19 -27.01
N ILE B 61 -17.44 57.32 -27.61
CA ILE B 61 -18.88 57.27 -27.36
C ILE B 61 -19.20 55.89 -26.80
N THR B 62 -19.61 55.86 -25.53
CA THR B 62 -19.99 54.63 -24.85
C THR B 62 -21.49 54.61 -24.64
N TYR B 63 -22.13 53.50 -24.98
CA TYR B 63 -23.56 53.38 -24.86
C TYR B 63 -23.95 53.18 -23.40
N PRO B 64 -25.22 53.44 -23.06
CA PRO B 64 -25.63 53.33 -21.65
C PRO B 64 -25.46 51.94 -21.06
N ASP B 65 -25.63 50.89 -21.85
CA ASP B 65 -25.57 49.54 -21.31
C ASP B 65 -24.15 49.04 -21.08
N ALA B 66 -23.13 49.73 -21.59
CA ALA B 66 -21.76 49.33 -21.32
C ALA B 66 -21.49 49.43 -19.83
N GLN B 67 -21.01 48.33 -19.24
CA GLN B 67 -20.85 48.25 -17.80
C GLN B 67 -19.41 48.58 -17.40
N LEU B 68 -19.22 48.80 -16.10
CA LEU B 68 -17.92 49.05 -15.51
C LEU B 68 -17.65 47.98 -14.47
N VAL B 69 -16.45 47.40 -14.50
CA VAL B 69 -16.09 46.32 -13.61
C VAL B 69 -14.73 46.62 -13.00
N PRO B 70 -14.38 45.97 -11.89
CA PRO B 70 -13.02 46.13 -11.35
C PRO B 70 -11.98 45.67 -12.36
N GLY B 71 -10.91 46.44 -12.47
CA GLY B 71 -9.89 46.15 -13.46
C GLY B 71 -8.56 45.72 -12.89
N ILE B 72 -7.49 45.95 -13.65
CA ILE B 72 -6.14 45.63 -13.18
C ILE B 72 -5.55 46.78 -12.36
N ASN B 73 -5.69 48.00 -12.84
CA ASN B 73 -5.25 49.19 -12.12
C ASN B 73 -6.32 50.26 -12.18
N GLY B 74 -7.58 49.85 -12.01
CA GLY B 74 -8.70 50.75 -12.08
C GLY B 74 -9.97 50.05 -12.48
N LYS B 75 -10.76 50.68 -13.34
CA LYS B 75 -12.00 50.10 -13.84
C LYS B 75 -11.82 49.68 -15.30
N ALA B 76 -12.61 48.68 -15.69
CA ALA B 76 -12.54 48.10 -17.02
C ALA B 76 -13.93 48.05 -17.65
N ILE B 77 -13.95 48.15 -18.97
CA ILE B 77 -15.20 48.06 -19.72
C ILE B 77 -15.73 46.64 -19.65
N HIS B 78 -17.04 46.50 -19.51
CA HIS B 78 -17.70 45.21 -19.46
C HIS B 78 -18.78 45.19 -20.53
N LEU B 79 -18.70 44.21 -21.43
CA LEU B 79 -19.59 44.14 -22.59
C LEU B 79 -20.46 42.91 -22.48
N VAL B 80 -21.76 43.12 -22.33
CA VAL B 80 -22.75 42.07 -22.31
C VAL B 80 -23.32 41.88 -23.70
N ASN B 81 -23.91 40.72 -23.95
CA ASN B 81 -24.44 40.41 -25.28
C ASN B 81 -25.86 40.94 -25.40
N ASN B 82 -25.97 42.19 -25.85
CA ASN B 82 -27.24 42.81 -26.15
C ASN B 82 -27.03 43.81 -27.26
N GLU B 83 -28.03 44.67 -27.49
CA GLU B 83 -27.96 45.67 -28.55
C GLU B 83 -27.70 47.07 -28.00
N SER B 84 -27.11 47.15 -26.81
CA SER B 84 -26.85 48.44 -26.19
C SER B 84 -25.52 48.55 -25.47
N SER B 85 -24.66 47.52 -25.52
CA SER B 85 -23.36 47.54 -24.87
C SER B 85 -22.29 47.62 -25.94
N GLU B 86 -21.84 48.84 -26.24
CA GLU B 86 -20.84 49.06 -27.27
C GLU B 86 -19.97 50.24 -26.85
N VAL B 87 -18.78 50.32 -27.46
CA VAL B 87 -17.87 51.43 -27.26
C VAL B 87 -17.22 51.74 -28.60
N ILE B 88 -17.62 52.83 -29.23
CA ILE B 88 -17.11 53.22 -30.54
C ILE B 88 -16.09 54.33 -30.37
N VAL B 89 -14.98 54.21 -31.08
CA VAL B 89 -13.89 55.18 -31.02
C VAL B 89 -13.64 55.71 -32.44
N HIS B 90 -13.64 57.02 -32.60
CA HIS B 90 -13.39 57.67 -33.88
C HIS B 90 -11.95 58.16 -33.92
N LYS B 91 -11.17 57.64 -34.86
CA LYS B 91 -9.78 58.07 -34.99
C LYS B 91 -9.73 59.52 -35.47
N ALA B 92 -8.72 60.24 -34.99
CA ALA B 92 -8.53 61.63 -35.41
C ALA B 92 -8.04 61.68 -36.85
N MET B 93 -8.24 62.84 -37.48
CA MET B 93 -7.81 63.02 -38.86
C MET B 93 -6.30 62.84 -39.00
N ASP B 94 -5.54 63.15 -37.96
CA ASP B 94 -4.09 63.02 -38.03
C ASP B 94 -3.63 61.56 -37.99
N ILE B 95 -4.52 60.61 -37.76
CA ILE B 95 -4.13 59.23 -37.50
C ILE B 95 -4.88 58.22 -38.37
N GLU B 96 -5.95 58.64 -39.07
CA GLU B 96 -6.86 57.65 -39.62
C GLU B 96 -6.30 56.75 -40.73
N TYR B 97 -5.14 57.08 -41.28
CA TYR B 97 -4.56 56.24 -42.32
C TYR B 97 -3.27 55.55 -41.89
N ASN B 98 -3.04 55.44 -40.57
CA ASN B 98 -1.83 54.80 -40.07
C ASN B 98 -1.83 53.29 -40.22
N ASP B 99 -2.95 52.69 -40.65
CA ASP B 99 -3.06 51.24 -40.68
C ASP B 99 -2.82 50.69 -42.09
N MET B 100 -2.79 51.56 -43.10
CA MET B 100 -2.70 51.17 -44.51
C MET B 100 -1.59 50.17 -44.83
N PHE B 101 -0.34 50.59 -44.66
CA PHE B 101 0.83 49.75 -44.90
C PHE B 101 1.87 49.95 -43.80
N ASN B 102 1.44 50.41 -42.65
CA ASN B 102 2.33 50.71 -41.54
C ASN B 102 2.15 49.65 -40.47
N ASN B 103 3.28 49.13 -39.96
CA ASN B 103 3.22 48.16 -38.88
C ASN B 103 2.46 48.73 -37.70
N PHE B 104 1.77 47.87 -36.96
CA PHE B 104 1.01 48.38 -35.83
C PHE B 104 0.78 47.27 -34.80
N THR B 105 0.54 47.70 -33.56
CA THR B 105 0.34 46.77 -32.46
C THR B 105 -0.93 47.13 -31.70
N VAL B 106 -1.58 46.11 -31.14
CA VAL B 106 -2.80 46.28 -30.38
C VAL B 106 -2.63 45.55 -29.05
N SER B 107 -2.93 46.24 -27.95
CA SER B 107 -2.74 45.65 -26.63
C SER B 107 -3.97 45.90 -25.77
N PHE B 108 -4.26 44.95 -24.89
CA PHE B 108 -5.36 45.14 -23.95
C PHE B 108 -5.40 44.00 -22.95
N TRP B 109 -5.99 44.29 -21.78
CA TRP B 109 -6.28 43.28 -20.77
C TRP B 109 -7.66 42.69 -21.06
N LEU B 110 -7.74 41.37 -21.09
CA LEU B 110 -8.96 40.66 -21.42
C LEU B 110 -9.31 39.68 -20.31
N ARG B 111 -10.62 39.54 -20.05
CA ARG B 111 -11.12 38.57 -19.09
C ARG B 111 -12.38 37.94 -19.68
N VAL B 112 -12.35 36.62 -19.87
CA VAL B 112 -13.45 35.89 -20.51
C VAL B 112 -13.94 34.83 -19.53
N PRO B 113 -15.23 34.64 -19.34
CA PRO B 113 -15.69 33.58 -18.43
C PRO B 113 -15.35 32.21 -18.97
N LYS B 114 -15.19 31.26 -18.05
CA LYS B 114 -14.97 29.87 -18.44
C LYS B 114 -16.23 29.32 -19.09
N VAL B 115 -16.10 28.80 -20.31
CA VAL B 115 -17.25 28.30 -21.04
C VAL B 115 -17.67 26.95 -20.48
N SER B 116 -18.97 26.71 -20.44
CA SER B 116 -19.50 25.46 -19.93
C SER B 116 -19.33 24.34 -20.93
N ALA B 117 -19.41 23.10 -20.43
CA ALA B 117 -19.34 21.94 -21.31
C ALA B 117 -20.56 21.87 -22.22
N SER B 118 -21.74 22.16 -21.68
CA SER B 118 -22.94 22.17 -22.50
C SER B 118 -22.86 23.24 -23.58
N HIS B 119 -22.44 24.44 -23.21
CA HIS B 119 -22.25 25.50 -24.18
C HIS B 119 -21.12 25.15 -25.15
N LEU B 120 -20.04 24.57 -24.65
CA LEU B 120 -18.91 24.20 -25.50
C LEU B 120 -19.32 23.16 -26.53
N GLU B 121 -20.30 22.32 -26.19
CA GLU B 121 -20.79 21.33 -27.13
C GLU B 121 -21.86 21.89 -28.06
N GLN B 122 -22.60 22.90 -27.62
CA GLN B 122 -23.59 23.52 -28.49
C GLN B 122 -22.95 24.58 -29.39
N TYR B 123 -22.38 25.61 -28.79
CA TYR B 123 -21.77 26.72 -29.55
C TYR B 123 -20.25 26.62 -29.62
N GLY B 124 -19.69 25.41 -29.70
CA GLY B 124 -18.25 25.30 -29.76
C GLY B 124 -17.62 25.68 -31.09
N THR B 125 -18.44 25.88 -32.12
CA THR B 125 -17.95 26.22 -33.44
C THR B 125 -18.22 27.67 -33.84
N ASN B 126 -19.09 28.36 -33.12
CA ASN B 126 -19.39 29.75 -33.45
C ASN B 126 -18.14 30.60 -33.29
N GLU B 127 -18.09 31.71 -34.02
CA GLU B 127 -16.97 32.65 -33.97
C GLU B 127 -17.53 34.05 -33.80
N TYR B 128 -17.68 34.48 -32.55
CA TYR B 128 -18.22 35.80 -32.23
C TYR B 128 -17.06 36.76 -31.96
N SER B 129 -17.16 37.95 -32.54
CA SER B 129 -16.11 38.94 -32.42
C SER B 129 -16.29 39.79 -31.16
N ILE B 130 -15.16 40.20 -30.58
CA ILE B 130 -15.17 41.05 -29.40
C ILE B 130 -14.61 42.44 -29.69
N ILE B 131 -13.72 42.58 -30.67
CA ILE B 131 -13.19 43.88 -31.05
C ILE B 131 -13.02 43.87 -32.57
N SER B 132 -13.28 45.01 -33.20
CA SER B 132 -13.15 45.02 -34.65
C SER B 132 -12.97 46.45 -35.17
N SER B 133 -12.17 46.58 -36.20
CA SER B 133 -12.03 47.83 -36.98
C SER B 133 -12.18 47.38 -38.43
N MET B 134 -13.41 47.44 -38.93
CA MET B 134 -13.75 46.94 -40.26
C MET B 134 -14.46 48.04 -41.04
N LYS B 135 -14.05 48.24 -42.28
CA LYS B 135 -14.63 49.27 -43.12
C LYS B 135 -16.12 48.99 -43.36
N LYS B 136 -16.93 50.03 -43.28
CA LYS B 136 -18.36 49.91 -43.51
C LYS B 136 -18.78 50.67 -44.77
N GLY B 142 -15.39 44.72 -45.90
CA GLY B 142 -14.50 45.82 -45.62
C GLY B 142 -13.19 45.39 -44.99
N SER B 143 -12.08 45.86 -45.56
CA SER B 143 -10.76 45.49 -45.06
C SER B 143 -10.57 46.05 -43.65
N GLY B 144 -9.78 45.33 -42.85
CA GLY B 144 -9.52 45.77 -41.49
C GLY B 144 -8.96 44.64 -40.65
N TRP B 145 -9.30 44.68 -39.36
CA TRP B 145 -8.83 43.66 -38.43
C TRP B 145 -9.90 43.39 -37.38
N SER B 146 -9.80 42.21 -36.76
CA SER B 146 -10.77 41.82 -35.75
C SER B 146 -10.15 40.86 -34.76
N VAL B 147 -10.64 40.91 -33.52
CA VAL B 147 -10.32 39.96 -32.47
C VAL B 147 -11.63 39.32 -32.04
N SER B 148 -11.70 38.00 -32.16
CA SER B 148 -12.93 37.26 -31.88
C SER B 148 -12.61 35.99 -31.09
N LEU B 149 -13.67 35.32 -30.65
CA LEU B 149 -13.56 34.12 -29.84
C LEU B 149 -14.33 32.99 -30.51
N LYS B 150 -13.71 31.83 -30.61
CA LYS B 150 -14.37 30.63 -31.14
C LYS B 150 -14.17 29.53 -30.10
N GLY B 151 -15.20 29.30 -29.28
CA GLY B 151 -15.06 28.36 -28.19
C GLY B 151 -13.90 28.79 -27.31
N ASN B 152 -13.02 27.84 -26.99
CA ASN B 152 -11.83 28.16 -26.23
C ASN B 152 -10.68 28.53 -27.17
N ASN B 153 -10.95 29.43 -28.11
CA ASN B 153 -9.97 29.86 -29.09
C ASN B 153 -10.00 31.37 -29.25
N LEU B 154 -8.81 31.96 -29.37
CA LEU B 154 -8.66 33.38 -29.64
C LEU B 154 -8.25 33.56 -31.09
N ILE B 155 -9.00 34.36 -31.82
CA ILE B 155 -8.78 34.52 -33.26
C ILE B 155 -8.47 35.98 -33.56
N TRP B 156 -7.40 36.20 -34.32
CA TRP B 156 -7.00 37.51 -34.81
C TRP B 156 -7.05 37.47 -36.33
N THR B 157 -7.89 38.31 -36.93
CA THR B 157 -8.15 38.27 -38.36
C THR B 157 -7.73 39.58 -39.02
N LEU B 158 -7.02 39.48 -40.14
CA LEU B 158 -6.63 40.61 -40.97
C LEU B 158 -7.20 40.42 -42.36
N LYS B 159 -7.78 41.49 -42.91
CA LYS B 159 -8.35 41.45 -44.25
C LYS B 159 -7.97 42.72 -45.00
N ASP B 160 -7.77 42.59 -46.30
CA ASP B 160 -7.40 43.70 -47.16
C ASP B 160 -8.49 43.94 -48.20
N SER B 161 -8.29 44.97 -49.02
CA SER B 161 -9.28 45.32 -50.03
C SER B 161 -9.42 44.22 -51.09
N ALA B 162 -8.31 43.56 -51.44
CA ALA B 162 -8.35 42.53 -52.46
C ALA B 162 -9.17 41.32 -52.05
N GLY B 163 -9.48 41.18 -50.76
CA GLY B 163 -10.25 40.06 -50.26
C GLY B 163 -9.44 38.99 -49.58
N GLU B 164 -8.12 39.02 -49.68
CA GLU B 164 -7.28 38.04 -49.00
C GLU B 164 -7.45 38.18 -47.50
N VAL B 165 -7.36 37.04 -46.81
CA VAL B 165 -7.57 36.98 -45.37
C VAL B 165 -6.44 36.22 -44.73
N ARG B 166 -5.86 36.81 -43.67
CA ARG B 166 -4.89 36.13 -42.83
C ARG B 166 -5.52 35.95 -41.45
N GLN B 167 -5.22 34.82 -40.81
CA GLN B 167 -5.89 34.52 -39.55
C GLN B 167 -4.95 33.77 -38.62
N ILE B 168 -4.98 34.16 -37.34
CA ILE B 168 -4.31 33.45 -36.26
C ILE B 168 -5.40 32.87 -35.37
N THR B 169 -5.30 31.57 -35.08
CA THR B 169 -6.29 30.87 -34.25
C THR B 169 -5.53 30.15 -33.15
N PHE B 170 -5.38 30.82 -32.00
CA PHE B 170 -4.69 30.24 -30.85
C PHE B 170 -5.67 29.40 -30.04
N ARG B 171 -5.27 28.17 -29.75
CA ARG B 171 -6.07 27.23 -28.97
C ARG B 171 -5.65 27.28 -27.51
N ASP B 172 -6.62 27.45 -26.63
CA ASP B 172 -6.34 27.53 -25.20
C ASP B 172 -5.79 26.20 -24.69
N LEU B 173 -5.30 26.23 -23.46
CA LEU B 173 -4.77 25.04 -22.82
C LEU B 173 -5.90 24.11 -22.38
N PRO B 174 -5.63 22.80 -22.34
CA PRO B 174 -6.67 21.87 -21.88
C PRO B 174 -6.94 21.93 -20.39
N ASP B 175 -5.99 22.42 -19.60
CA ASP B 175 -6.16 22.53 -18.15
C ASP B 175 -6.78 23.89 -17.85
N LYS B 176 -8.07 23.87 -17.53
CA LYS B 176 -8.80 25.13 -17.32
C LYS B 176 -8.30 25.90 -16.11
N PHE B 177 -7.57 25.27 -15.20
CA PHE B 177 -7.03 25.98 -14.05
C PHE B 177 -5.86 26.86 -14.43
N ASN B 178 -5.10 26.47 -15.45
CA ASN B 178 -3.89 27.17 -15.88
C ASN B 178 -4.01 27.67 -17.31
N ALA B 179 -5.21 28.05 -17.72
CA ALA B 179 -5.49 28.46 -19.08
C ALA B 179 -5.70 29.97 -19.14
N TYR B 180 -5.80 30.48 -20.37
CA TYR B 180 -5.91 31.91 -20.61
C TYR B 180 -7.36 32.35 -20.79
N LEU B 181 -8.11 31.67 -21.65
CA LEU B 181 -9.53 32.00 -21.76
C LEU B 181 -10.35 31.31 -20.69
N ALA B 182 -9.88 31.37 -19.45
CA ALA B 182 -10.63 31.04 -18.25
C ALA B 182 -10.99 32.36 -17.58
N ASN B 183 -11.52 32.28 -16.37
CA ASN B 183 -12.10 33.47 -15.76
C ASN B 183 -11.06 34.52 -15.35
N LYS B 184 -9.78 34.27 -15.59
CA LYS B 184 -8.72 35.15 -15.11
C LYS B 184 -8.44 36.30 -16.07
N TRP B 185 -7.85 37.37 -15.54
CA TRP B 185 -7.39 38.48 -16.36
C TRP B 185 -6.09 38.09 -17.07
N VAL B 186 -5.95 38.52 -18.32
CA VAL B 186 -4.76 38.26 -19.12
C VAL B 186 -4.39 39.51 -19.90
N PHE B 187 -3.14 39.55 -20.35
CA PHE B 187 -2.64 40.61 -21.22
C PHE B 187 -2.46 40.05 -22.62
N ILE B 188 -2.98 40.76 -23.62
CA ILE B 188 -2.90 40.34 -25.00
C ILE B 188 -2.25 41.46 -25.81
N THR B 189 -1.25 41.10 -26.62
CA THR B 189 -0.54 42.03 -27.47
C THR B 189 -0.34 41.41 -28.84
N ILE B 190 -0.82 42.07 -29.89
CA ILE B 190 -0.72 41.56 -31.25
C ILE B 190 0.10 42.55 -32.05
N THR B 191 1.20 42.09 -32.61
CA THR B 191 2.07 42.92 -33.44
C THR B 191 1.92 42.52 -34.89
N ASN B 192 1.97 43.51 -35.78
CA ASN B 192 1.79 43.28 -37.21
C ASN B 192 2.87 44.07 -37.94
N ASP B 193 3.90 43.36 -38.42
CA ASP B 193 4.95 43.96 -39.24
C ASP B 193 4.62 43.60 -40.69
N ARG B 194 4.29 44.62 -41.49
CA ARG B 194 3.85 44.38 -42.86
C ARG B 194 4.93 43.73 -43.71
N LEU B 195 6.20 43.79 -43.28
CA LEU B 195 7.28 43.20 -44.05
C LEU B 195 7.54 41.74 -43.70
N SER B 196 7.25 41.30 -42.48
CA SER B 196 7.50 39.90 -42.16
C SER B 196 6.28 39.08 -41.71
N SER B 197 5.67 39.43 -40.58
CA SER B 197 4.69 38.54 -39.97
C SER B 197 3.86 39.26 -38.92
N ALA B 198 2.88 38.54 -38.40
CA ALA B 198 2.04 38.98 -37.30
C ALA B 198 2.21 38.00 -36.15
N ASN B 199 2.41 38.51 -34.95
CA ASN B 199 2.65 37.70 -33.77
C ASN B 199 1.60 37.99 -32.70
N LEU B 200 1.16 36.94 -32.02
CA LEU B 200 0.22 37.04 -30.92
C LEU B 200 0.92 36.72 -29.61
N TYR B 201 0.81 37.63 -28.64
CA TYR B 201 1.47 37.52 -27.35
C TYR B 201 0.41 37.47 -26.27
N ILE B 202 0.53 36.51 -25.37
CA ILE B 202 -0.40 36.34 -24.26
C ILE B 202 0.41 36.35 -22.98
N ASN B 203 0.08 37.27 -22.07
CA ASN B 203 0.73 37.30 -20.77
C ASN B 203 2.23 37.58 -20.89
N GLY B 204 2.62 38.29 -21.95
CA GLY B 204 4.02 38.53 -22.20
C GLY B 204 4.76 37.37 -22.83
N VAL B 205 4.06 36.50 -23.55
CA VAL B 205 4.65 35.33 -24.18
C VAL B 205 4.01 35.13 -25.54
N LEU B 206 4.82 34.71 -26.51
CA LEU B 206 4.31 34.45 -27.86
C LEU B 206 3.53 33.14 -27.89
N MET B 207 2.32 33.19 -28.45
CA MET B 207 1.47 32.02 -28.53
C MET B 207 1.10 31.62 -29.96
N GLY B 208 1.37 32.46 -30.95
CA GLY B 208 1.05 32.13 -32.32
C GLY B 208 1.61 33.16 -33.26
N SER B 209 1.69 32.77 -34.53
CA SER B 209 2.20 33.66 -35.56
C SER B 209 1.55 33.33 -36.89
N ALA B 210 1.53 34.32 -37.76
CA ALA B 210 1.04 34.18 -39.13
C ALA B 210 1.93 35.01 -40.04
N GLU B 211 1.98 34.64 -41.31
CA GLU B 211 2.81 35.34 -42.28
C GLU B 211 1.92 36.31 -43.06
N ILE B 212 2.02 37.59 -42.72
CA ILE B 212 1.28 38.63 -43.43
C ILE B 212 2.20 39.11 -44.55
N THR B 213 2.19 38.36 -45.65
CA THR B 213 3.04 38.65 -46.80
C THR B 213 2.20 38.65 -48.06
N GLY B 214 2.43 39.64 -48.92
CA GLY B 214 1.66 39.75 -50.14
C GLY B 214 0.25 40.25 -49.95
N LEU B 215 -0.11 40.69 -48.75
CA LEU B 215 -1.45 41.18 -48.49
C LEU B 215 -1.68 42.52 -49.19
N GLY B 216 -2.96 42.90 -49.30
CA GLY B 216 -3.31 44.15 -49.93
C GLY B 216 -3.12 45.34 -49.01
N ALA B 217 -4.06 46.28 -49.05
CA ALA B 217 -4.03 47.46 -48.21
C ALA B 217 -5.18 47.40 -47.20
N ILE B 218 -4.84 47.60 -45.93
CA ILE B 218 -5.84 47.51 -44.86
C ILE B 218 -6.36 48.93 -44.62
N ARG B 219 -7.43 49.29 -45.34
CA ARG B 219 -8.08 50.57 -45.15
C ARG B 219 -9.13 50.41 -44.05
N GLU B 220 -8.64 50.34 -42.81
CA GLU B 220 -9.52 50.10 -41.67
C GLU B 220 -10.49 51.26 -41.49
N ASP B 221 -11.69 50.93 -41.01
CA ASP B 221 -12.69 51.96 -40.75
C ASP B 221 -12.22 52.87 -39.62
N ASN B 222 -12.68 54.11 -39.67
CA ASN B 222 -12.34 55.12 -38.68
C ASN B 222 -12.88 54.81 -37.30
N ASN B 223 -13.83 53.88 -37.19
CA ASN B 223 -14.49 53.56 -35.93
C ASN B 223 -14.01 52.21 -35.42
N ILE B 224 -13.65 52.18 -34.13
CA ILE B 224 -13.25 50.95 -33.45
C ILE B 224 -14.39 50.55 -32.53
N THR B 225 -14.93 49.35 -32.74
CA THR B 225 -16.10 48.87 -32.01
C THR B 225 -15.69 47.85 -30.97
N LEU B 226 -16.10 48.08 -29.72
CA LEU B 226 -15.87 47.16 -28.61
C LEU B 226 -17.23 46.64 -28.19
N LYS B 227 -17.68 45.56 -28.83
CA LYS B 227 -18.97 44.97 -28.52
C LYS B 227 -19.01 43.54 -29.01
N LEU B 228 -19.85 42.73 -28.39
CA LEU B 228 -20.07 41.36 -28.82
C LEU B 228 -20.97 41.36 -30.05
N ASP B 229 -20.50 40.77 -31.14
CA ASP B 229 -21.23 40.73 -32.39
C ASP B 229 -21.33 39.30 -32.89
N ARG B 230 -22.47 38.97 -33.50
CA ARG B 230 -22.70 37.65 -34.09
C ARG B 230 -22.54 36.54 -33.04
N CYS B 231 -23.02 36.79 -31.83
CA CYS B 231 -22.95 35.83 -30.74
C CYS B 231 -24.35 35.38 -30.37
N ASN B 232 -24.55 34.06 -30.34
CA ASN B 232 -25.87 33.48 -30.12
C ASN B 232 -26.19 33.21 -28.65
N ASN B 233 -25.24 33.38 -27.75
CA ASN B 233 -25.45 33.12 -26.33
C ASN B 233 -25.78 34.44 -25.62
N ASN B 234 -26.86 34.42 -24.83
CA ASN B 234 -27.29 35.61 -24.11
C ASN B 234 -26.47 35.87 -22.85
N ASN B 235 -25.65 34.92 -22.41
CA ASN B 235 -24.81 35.09 -21.24
C ASN B 235 -23.35 35.31 -21.60
N GLN B 236 -23.07 35.62 -22.85
CA GLN B 236 -21.71 35.92 -23.29
C GLN B 236 -21.39 37.36 -22.94
N TYR B 237 -20.33 37.55 -22.15
CA TYR B 237 -19.88 38.88 -21.77
C TYR B 237 -18.38 38.83 -21.54
N VAL B 238 -17.70 39.91 -21.87
CA VAL B 238 -16.25 39.95 -21.72
C VAL B 238 -15.84 41.27 -21.08
N SER B 239 -14.68 41.25 -20.43
CA SER B 239 -14.13 42.43 -19.79
C SER B 239 -12.86 42.86 -20.50
N ILE B 240 -12.79 44.14 -20.86
CA ILE B 240 -11.66 44.70 -21.61
C ILE B 240 -11.15 45.93 -20.89
N ASP B 241 -9.83 46.04 -20.77
CA ASP B 241 -9.24 47.17 -20.07
C ASP B 241 -7.95 47.59 -20.77
N LYS B 242 -7.59 48.86 -20.59
CA LYS B 242 -6.32 49.39 -21.11
C LYS B 242 -6.19 49.20 -22.62
N PHE B 243 -7.28 49.47 -23.35
CA PHE B 243 -7.22 49.31 -24.80
C PHE B 243 -6.23 50.30 -25.39
N ARG B 244 -5.18 49.77 -26.03
CA ARG B 244 -4.09 50.58 -26.53
C ARG B 244 -3.73 50.16 -27.94
N ILE B 245 -3.24 51.13 -28.71
CA ILE B 245 -2.80 50.89 -30.08
C ILE B 245 -1.46 51.60 -30.29
N PHE B 246 -0.46 50.84 -30.72
CA PHE B 246 0.88 51.34 -30.98
C PHE B 246 1.11 51.39 -32.48
N CYS B 247 2.00 52.29 -32.90
CA CYS B 247 2.25 52.56 -34.30
C CYS B 247 3.49 51.85 -34.83
N LYS B 248 3.78 50.65 -34.35
CA LYS B 248 4.92 49.89 -34.86
C LYS B 248 4.80 48.45 -34.35
N ALA B 249 5.75 47.62 -34.79
CA ALA B 249 5.83 46.22 -34.36
C ALA B 249 6.72 46.16 -33.13
N LEU B 250 6.10 46.11 -31.96
CA LEU B 250 6.86 46.10 -30.72
C LEU B 250 7.71 44.84 -30.60
N ASN B 251 8.93 45.00 -30.11
CA ASN B 251 9.82 43.89 -29.88
C ASN B 251 9.47 43.19 -28.57
N PRO B 252 9.97 41.97 -28.35
CA PRO B 252 9.64 41.25 -27.12
C PRO B 252 10.00 42.00 -25.84
N LYS B 253 11.11 42.75 -25.85
CA LYS B 253 11.47 43.51 -24.67
C LYS B 253 10.43 44.57 -24.35
N GLU B 254 9.92 45.26 -25.38
CA GLU B 254 8.90 46.28 -25.15
C GLU B 254 7.62 45.67 -24.61
N ILE B 255 7.23 44.50 -25.14
CA ILE B 255 6.04 43.83 -24.62
C ILE B 255 6.24 43.47 -23.16
N GLU B 256 7.41 42.93 -22.82
CA GLU B 256 7.71 42.63 -21.43
C GLU B 256 7.53 43.86 -20.56
N LYS B 257 8.12 44.98 -20.99
CA LYS B 257 8.07 46.17 -20.15
C LYS B 257 6.64 46.67 -19.99
N LEU B 258 5.85 46.69 -21.07
CA LEU B 258 4.46 47.15 -20.94
C LEU B 258 3.69 46.27 -19.97
N TYR B 259 3.75 44.95 -20.18
CA TYR B 259 3.06 44.00 -19.32
C TYR B 259 3.42 44.24 -17.86
N THR B 260 4.71 44.33 -17.56
CA THR B 260 5.13 44.57 -16.19
C THR B 260 4.68 45.93 -15.70
N SER B 261 4.71 46.93 -16.58
CA SER B 261 4.32 48.30 -16.30
C SER B 261 2.94 48.35 -15.68
N TYR B 262 2.03 47.53 -16.18
CA TYR B 262 0.72 47.54 -15.53
C TYR B 262 0.79 46.92 -14.14
N LEU B 263 1.15 45.65 -14.05
CA LEU B 263 1.18 44.95 -12.76
C LEU B 263 2.29 45.46 -11.87
N SER B 264 1.94 46.23 -10.84
CA SER B 264 2.92 46.79 -9.91
C SER B 264 2.45 46.53 -8.48
N ILE B 265 3.41 46.22 -7.60
CA ILE B 265 3.06 45.85 -6.23
C ILE B 265 2.61 47.10 -5.47
N THR B 266 1.31 47.29 -5.40
CA THR B 266 0.73 48.33 -4.54
C THR B 266 -0.44 47.76 -3.74
N PHE B 267 -1.22 46.89 -4.36
CA PHE B 267 -2.34 46.23 -3.72
C PHE B 267 -2.39 44.77 -4.18
N LEU B 268 -2.90 43.91 -3.32
CA LEU B 268 -2.90 42.48 -3.61
C LEU B 268 -4.07 42.10 -4.50
N ARG B 269 -3.97 40.91 -5.09
CA ARG B 269 -4.94 40.42 -6.06
C ARG B 269 -5.45 39.05 -5.64
N ASP B 270 -6.68 38.73 -6.06
CA ASP B 270 -7.24 37.42 -5.82
C ASP B 270 -6.85 36.49 -6.96
N PHE B 271 -7.46 35.31 -7.01
CA PHE B 271 -7.15 34.33 -8.05
C PHE B 271 -7.38 34.92 -9.44
N TRP B 272 -8.41 35.73 -9.59
CA TRP B 272 -8.81 36.25 -10.89
C TRP B 272 -8.09 37.53 -11.27
N GLY B 273 -7.25 38.07 -10.41
CA GLY B 273 -6.58 39.32 -10.67
C GLY B 273 -7.22 40.53 -10.04
N ASN B 274 -8.44 40.39 -9.51
CA ASN B 274 -9.08 41.48 -8.82
C ASN B 274 -8.41 41.73 -7.48
N PRO B 275 -8.55 42.93 -6.93
CA PRO B 275 -7.90 43.23 -5.66
C PRO B 275 -8.50 42.42 -4.52
N LEU B 276 -7.67 42.10 -3.53
CA LEU B 276 -8.19 41.49 -2.32
C LEU B 276 -9.01 42.51 -1.54
N ARG B 277 -9.99 42.00 -0.79
CA ARG B 277 -10.90 42.84 -0.03
C ARG B 277 -11.01 42.32 1.38
N TYR B 278 -11.33 43.23 2.31
CA TYR B 278 -11.58 42.88 3.69
C TYR B 278 -13.04 42.47 3.84
N ASP B 279 -13.30 41.59 4.81
CA ASP B 279 -14.65 41.10 5.08
C ASP B 279 -15.23 40.38 3.87
N THR B 280 -14.42 39.53 3.25
CA THR B 280 -14.88 38.72 2.12
C THR B 280 -14.32 37.31 2.28
N GLU B 281 -15.11 36.31 1.91
CA GLU B 281 -14.69 34.92 2.03
C GLU B 281 -13.85 34.50 0.84
N TYR B 282 -12.76 33.78 1.12
CA TYR B 282 -11.83 33.30 0.11
C TYR B 282 -11.52 31.84 0.37
N TYR B 283 -11.12 31.14 -0.68
CA TYR B 283 -10.66 29.76 -0.58
C TYR B 283 -9.16 29.74 -0.85
N LEU B 284 -8.39 29.18 0.07
CA LEU B 284 -6.95 29.16 -0.07
C LEU B 284 -6.50 27.92 -0.83
N ILE B 285 -5.63 28.11 -1.82
CA ILE B 285 -5.06 27.02 -2.58
C ILE B 285 -3.55 27.21 -2.66
N PRO B 286 -2.75 26.28 -2.18
CA PRO B 286 -1.28 26.43 -2.31
C PRO B 286 -0.87 26.55 -3.77
N VAL B 287 -0.02 27.54 -4.05
CA VAL B 287 0.49 27.72 -5.40
C VAL B 287 1.39 26.56 -5.78
N ALA B 288 2.09 25.98 -4.81
CA ALA B 288 2.97 24.85 -5.08
C ALA B 288 2.20 23.64 -5.59
N SER B 289 1.11 23.29 -4.89
CA SER B 289 0.27 22.14 -5.24
C SER B 289 -1.15 22.64 -5.44
N SER B 290 -1.46 23.07 -6.66
CA SER B 290 -2.77 23.65 -6.95
C SER B 290 -3.91 22.64 -6.84
N SER B 291 -3.61 21.35 -6.81
CA SER B 291 -4.63 20.32 -6.79
C SER B 291 -5.12 19.98 -5.39
N LYS B 292 -4.77 20.78 -4.38
CA LYS B 292 -5.13 20.48 -3.00
C LYS B 292 -6.02 21.56 -2.42
N ASP B 293 -6.90 21.13 -1.52
CA ASP B 293 -7.74 22.00 -0.70
C ASP B 293 -7.23 21.99 0.73
N VAL B 294 -7.73 22.93 1.52
CA VAL B 294 -7.38 23.04 2.93
C VAL B 294 -8.58 22.66 3.76
N GLN B 295 -8.38 21.75 4.72
CA GLN B 295 -9.45 21.26 5.58
C GLN B 295 -9.01 21.35 7.03
N LEU B 296 -10.01 21.41 7.90
CA LEU B 296 -9.82 21.57 9.34
C LEU B 296 -10.21 20.29 10.06
N LYS B 297 -9.37 19.88 11.02
CA LYS B 297 -9.66 18.65 11.74
C LYS B 297 -10.72 18.87 12.83
N ASN B 298 -10.48 19.82 13.73
CA ASN B 298 -11.42 20.16 14.77
C ASN B 298 -11.19 21.61 15.17
N ILE B 299 -12.22 22.24 15.74
CA ILE B 299 -12.06 23.61 16.23
C ILE B 299 -10.99 23.58 17.31
N THR B 300 -10.06 24.52 17.26
CA THR B 300 -8.88 24.58 18.13
C THR B 300 -7.86 23.52 17.75
N ASP B 301 -7.68 23.26 16.46
CA ASP B 301 -6.73 22.26 16.00
C ASP B 301 -6.03 22.78 14.74
N TYR B 302 -5.37 21.87 14.03
CA TYR B 302 -4.55 22.22 12.87
C TYR B 302 -5.34 22.08 11.57
N MET B 303 -4.71 22.46 10.47
CA MET B 303 -5.30 22.37 9.15
C MET B 303 -4.35 21.62 8.22
N TYR B 304 -4.91 20.88 7.28
CA TYR B 304 -4.11 20.04 6.39
C TYR B 304 -4.63 20.14 4.96
N LEU B 305 -3.82 19.67 4.02
CA LEU B 305 -4.16 19.71 2.60
C LEU B 305 -4.69 18.36 2.16
N THR B 306 -5.87 18.37 1.55
CA THR B 306 -6.54 17.20 1.01
C THR B 306 -6.58 17.30 -0.51
N ASN B 307 -6.91 16.18 -1.15
CA ASN B 307 -7.06 16.17 -2.60
C ASN B 307 -8.43 16.69 -2.98
N ALA B 308 -8.47 17.79 -3.74
CA ALA B 308 -9.72 18.39 -4.16
C ALA B 308 -10.34 17.60 -5.31
N PRO B 309 -11.67 17.61 -5.42
CA PRO B 309 -12.32 16.95 -6.55
C PRO B 309 -11.90 17.59 -7.87
N SER B 310 -12.23 16.90 -8.96
CA SER B 310 -11.82 17.37 -10.27
C SER B 310 -12.87 17.01 -11.30
N TYR B 311 -12.76 17.63 -12.47
CA TYR B 311 -13.60 17.35 -13.63
C TYR B 311 -12.70 17.08 -14.82
N THR B 312 -13.08 16.09 -15.62
CA THR B 312 -12.29 15.69 -16.78
C THR B 312 -13.23 15.26 -17.91
N ASN B 313 -12.87 15.61 -19.14
CA ASN B 313 -13.65 15.23 -20.32
C ASN B 313 -12.70 15.04 -21.49
N GLY B 314 -12.65 13.83 -22.04
CA GLY B 314 -11.87 13.59 -23.23
C GLY B 314 -12.60 13.95 -24.50
N LYS B 315 -13.93 13.93 -24.48
CA LYS B 315 -14.72 14.30 -25.65
C LYS B 315 -14.47 15.76 -26.02
N LEU B 316 -14.55 16.66 -25.05
CA LEU B 316 -14.25 18.06 -25.26
C LEU B 316 -12.80 18.40 -24.95
N ASN B 317 -12.04 17.47 -24.38
CA ASN B 317 -10.62 17.65 -24.11
C ASN B 317 -10.39 18.81 -23.13
N ILE B 318 -11.08 18.77 -21.99
CA ILE B 318 -10.92 19.79 -20.97
C ILE B 318 -10.92 19.13 -19.60
N TYR B 319 -9.98 19.52 -18.75
CA TYR B 319 -9.89 19.02 -17.40
C TYR B 319 -9.49 20.15 -16.47
N TYR B 320 -9.92 20.06 -15.22
CA TYR B 320 -9.57 21.06 -14.23
C TYR B 320 -9.93 20.52 -12.85
N ARG B 321 -9.50 21.23 -11.82
CA ARG B 321 -9.81 20.89 -10.44
C ARG B 321 -10.94 21.79 -9.97
N ARG B 322 -12.02 21.17 -9.50
CA ARG B 322 -13.20 21.95 -9.15
C ARG B 322 -12.95 22.80 -7.92
N LEU B 323 -13.18 24.10 -8.06
CA LEU B 323 -12.95 25.07 -6.99
C LEU B 323 -14.18 25.13 -6.07
N TYR B 324 -14.09 26.02 -5.07
CA TYR B 324 -15.17 26.30 -4.14
C TYR B 324 -15.37 25.18 -3.13
N ASN B 325 -14.28 24.48 -2.77
CA ASN B 325 -14.34 23.40 -1.79
C ASN B 325 -13.26 23.63 -0.75
N GLY B 326 -13.63 23.48 0.52
CA GLY B 326 -12.68 23.62 1.61
C GLY B 326 -13.07 24.67 2.62
N LEU B 327 -12.12 25.13 3.41
CA LEU B 327 -12.38 26.18 4.37
C LEU B 327 -12.54 27.52 3.67
N LYS B 328 -13.46 28.34 4.18
CA LYS B 328 -13.63 29.71 3.73
C LYS B 328 -12.92 30.63 4.70
N PHE B 329 -12.09 31.53 4.18
CA PHE B 329 -11.29 32.42 4.98
C PHE B 329 -11.75 33.85 4.82
N ILE B 330 -11.52 34.65 5.85
CA ILE B 330 -11.87 36.06 5.88
C ILE B 330 -10.68 36.86 6.38
N ILE B 331 -10.30 37.88 5.63
CA ILE B 331 -9.26 38.81 6.05
C ILE B 331 -9.93 39.99 6.71
N LYS B 332 -9.49 40.34 7.91
CA LYS B 332 -10.02 41.49 8.62
C LYS B 332 -8.87 42.38 9.05
N ARG B 333 -9.15 43.67 9.19
CA ARG B 333 -8.11 44.61 9.60
C ARG B 333 -7.65 44.31 11.02
N TYR B 334 -6.34 44.45 11.25
CA TYR B 334 -5.78 44.23 12.57
C TYR B 334 -6.23 45.30 13.57
N THR B 335 -6.75 46.42 13.08
CA THR B 335 -7.22 47.49 13.94
C THR B 335 -8.52 48.09 13.42
N SER B 342 -11.28 49.43 1.44
CA SER B 342 -11.65 48.03 1.53
C SER B 342 -10.72 47.16 0.69
N PHE B 343 -9.52 47.67 0.44
CA PHE B 343 -8.54 47.00 -0.41
C PHE B 343 -7.33 46.61 0.43
N VAL B 344 -6.92 45.34 0.34
CA VAL B 344 -5.76 44.86 1.07
C VAL B 344 -4.51 45.38 0.38
N LYS B 345 -3.72 46.16 1.10
CA LYS B 345 -2.48 46.71 0.57
C LYS B 345 -1.29 45.90 1.07
N SER B 346 -0.31 45.70 0.20
CA SER B 346 0.85 44.88 0.56
C SER B 346 1.54 45.45 1.79
N GLY B 347 1.94 44.57 2.70
CA GLY B 347 2.50 44.99 3.96
C GLY B 347 1.48 45.44 4.98
N ASP B 348 0.26 44.92 4.90
CA ASP B 348 -0.82 45.30 5.80
C ASP B 348 -1.00 44.25 6.89
N PHE B 349 -1.25 44.72 8.11
CA PHE B 349 -1.48 43.83 9.25
C PHE B 349 -2.94 43.38 9.22
N ILE B 350 -3.13 42.06 9.14
CA ILE B 350 -4.45 41.46 9.03
C ILE B 350 -4.59 40.36 10.07
N LYS B 351 -5.84 40.08 10.40
CA LYS B 351 -6.26 38.92 11.16
C LYS B 351 -6.98 37.98 10.21
N LEU B 352 -6.66 36.69 10.30
CA LEU B 352 -7.20 35.68 9.40
C LEU B 352 -8.22 34.85 10.16
N TYR B 353 -9.44 34.76 9.63
CA TYR B 353 -10.53 34.02 10.23
C TYR B 353 -10.95 32.88 9.34
N VAL B 354 -11.38 31.78 9.93
CA VAL B 354 -11.84 30.61 9.20
C VAL B 354 -13.32 30.44 9.51
N SER B 355 -14.17 30.88 8.59
CA SER B 355 -15.61 30.67 8.76
C SER B 355 -15.91 29.18 8.78
N TYR B 356 -16.73 28.78 9.74
CA TYR B 356 -17.02 27.36 9.96
C TYR B 356 -18.31 27.29 10.76
N ASN B 357 -19.34 26.67 10.18
CA ASN B 357 -20.63 26.48 10.85
C ASN B 357 -21.21 27.80 11.35
N ASN B 358 -21.18 28.81 10.48
CA ASN B 358 -21.73 30.13 10.81
C ASN B 358 -21.03 30.75 12.01
N ASN B 359 -19.74 30.46 12.16
CA ASN B 359 -18.96 31.06 13.24
C ASN B 359 -17.53 31.26 12.76
N GLU B 360 -16.93 32.39 13.13
CA GLU B 360 -15.56 32.68 12.75
C GLU B 360 -14.59 32.16 13.81
N HIS B 361 -13.34 31.95 13.40
CA HIS B 361 -12.35 31.35 14.29
C HIS B 361 -10.97 31.84 13.88
N ILE B 362 -10.26 32.48 14.82
CA ILE B 362 -8.95 33.03 14.52
C ILE B 362 -7.98 31.92 14.17
N VAL B 363 -7.06 32.21 13.26
CA VAL B 363 -5.94 31.32 12.96
C VAL B 363 -4.70 31.91 13.61
N GLY B 364 -3.95 31.07 14.32
CA GLY B 364 -2.77 31.57 14.98
C GLY B 364 -1.92 30.46 15.53
N TYR B 365 -0.92 30.84 16.31
CA TYR B 365 -0.02 29.88 16.92
C TYR B 365 0.02 30.06 18.44
N PRO B 366 -0.48 29.10 19.21
CA PRO B 366 -0.44 29.24 20.66
C PRO B 366 0.98 29.28 21.17
N LYS B 367 1.17 29.94 22.31
CA LYS B 367 2.51 30.06 22.89
C LYS B 367 3.08 28.68 23.18
N ASP B 368 4.34 28.49 22.78
CA ASP B 368 5.07 27.21 22.91
C ASP B 368 4.18 26.02 22.56
N GLY B 369 3.44 26.15 21.46
CA GLY B 369 2.65 25.06 20.95
C GLY B 369 3.49 24.06 20.20
N ASN B 370 2.87 22.92 19.88
CA ASN B 370 3.61 21.88 19.17
C ASN B 370 4.07 22.39 17.82
N ALA B 371 5.17 21.83 17.35
CA ALA B 371 5.79 22.27 16.10
C ALA B 371 6.61 21.12 15.53
N PHE B 372 6.93 21.25 14.24
CA PHE B 372 7.73 20.26 13.53
C PHE B 372 9.18 20.74 13.51
N ASN B 373 10.07 19.92 14.07
CA ASN B 373 11.49 20.24 14.12
C ASN B 373 11.78 21.46 14.97
N ASN B 374 10.83 21.90 15.79
CA ASN B 374 10.93 23.00 16.73
C ASN B 374 10.84 24.37 16.05
N LEU B 375 10.80 24.44 14.72
CA LEU B 375 10.78 25.71 14.03
C LEU B 375 9.67 25.79 12.99
N ASP B 376 8.99 24.69 12.70
CA ASP B 376 7.84 24.68 11.80
C ASP B 376 6.55 24.73 12.62
N ARG B 377 6.32 25.89 13.22
CA ARG B 377 5.17 26.06 14.11
C ARG B 377 3.87 25.71 13.41
N ILE B 378 2.97 25.07 14.13
CA ILE B 378 1.74 24.52 13.55
C ILE B 378 0.59 25.47 13.85
N LEU B 379 0.01 26.04 12.81
CA LEU B 379 -1.10 26.97 12.96
C LEU B 379 -2.35 26.25 13.46
N ARG B 380 -3.07 26.91 14.36
CA ARG B 380 -4.30 26.38 14.94
C ARG B 380 -5.45 27.35 14.69
N VAL B 381 -6.66 26.80 14.59
CA VAL B 381 -7.84 27.57 14.22
C VAL B 381 -8.78 27.62 15.42
N GLY B 382 -9.26 28.82 15.75
CA GLY B 382 -10.21 28.98 16.83
C GLY B 382 -9.68 28.54 18.18
N TYR B 383 -8.38 28.59 18.38
CA TYR B 383 -7.78 28.17 19.64
C TYR B 383 -8.29 29.00 20.79
N ASN B 384 -8.64 28.33 21.88
CA ASN B 384 -9.11 29.02 23.10
C ASN B 384 -8.68 28.17 24.30
N ALA B 385 -7.53 28.51 24.86
CA ALA B 385 -7.00 27.82 26.03
C ALA B 385 -6.71 28.82 27.13
N PRO B 386 -7.32 28.69 28.30
CA PRO B 386 -7.05 29.65 29.38
C PRO B 386 -5.59 29.62 29.81
N GLY B 387 -5.07 30.79 30.18
CA GLY B 387 -3.70 30.90 30.66
C GLY B 387 -2.63 30.85 29.61
N ILE B 388 -2.97 30.89 28.33
CA ILE B 388 -1.96 30.83 27.27
C ILE B 388 -2.18 31.98 26.29
N PRO B 389 -1.12 32.58 25.77
CA PRO B 389 -1.26 33.64 24.77
C PRO B 389 -1.23 33.09 23.36
N LEU B 390 -2.11 33.61 22.52
CA LEU B 390 -2.22 33.22 21.13
C LEU B 390 -1.78 34.36 20.24
N TYR B 391 -0.86 34.08 19.31
CA TYR B 391 -0.39 35.07 18.35
C TYR B 391 -1.29 35.03 17.13
N LYS B 392 -2.02 36.12 16.88
CA LYS B 392 -2.98 36.17 15.79
C LYS B 392 -2.69 37.26 14.77
N LYS B 393 -1.57 37.95 14.87
CA LYS B 393 -1.24 39.03 13.93
C LYS B 393 -0.46 38.49 12.75
N MET B 394 -0.97 38.70 11.54
CA MET B 394 -0.26 38.31 10.33
C MET B 394 -0.13 39.52 9.43
N GLU B 395 0.79 39.44 8.49
CA GLU B 395 1.01 40.50 7.52
C GLU B 395 0.88 39.94 6.11
N ALA B 396 0.09 40.63 5.29
CA ALA B 396 -0.18 40.21 3.91
C ALA B 396 0.80 40.92 2.98
N VAL B 397 1.75 40.17 2.43
CA VAL B 397 2.82 40.74 1.62
C VAL B 397 2.93 39.98 0.30
N LYS B 398 3.59 40.63 -0.65
CA LYS B 398 3.89 40.05 -1.96
C LYS B 398 5.41 39.99 -2.08
N LEU B 399 5.97 38.80 -1.89
CA LEU B 399 7.42 38.61 -1.85
C LEU B 399 7.97 37.84 -3.03
N ARG B 400 7.10 37.31 -3.90
CA ARG B 400 7.57 36.46 -5.00
C ARG B 400 6.57 36.50 -6.13
N ASP B 401 7.08 36.35 -7.36
CA ASP B 401 6.25 36.11 -8.53
C ASP B 401 5.23 37.24 -8.76
N LEU B 402 5.77 38.40 -9.12
CA LEU B 402 4.91 39.56 -9.37
C LEU B 402 3.90 39.28 -10.48
N LYS B 403 4.22 38.42 -11.44
CA LYS B 403 3.31 38.15 -12.55
C LYS B 403 2.13 37.27 -12.16
N THR B 404 2.21 36.56 -11.04
CA THR B 404 1.13 35.66 -10.63
C THR B 404 0.34 36.29 -9.48
N TYR B 405 -0.94 35.93 -9.42
CA TYR B 405 -1.86 36.48 -8.43
C TYR B 405 -1.84 35.60 -7.17
N SER B 406 -0.73 35.68 -6.45
CA SER B 406 -0.51 34.93 -5.23
C SER B 406 -0.02 35.87 -4.14
N VAL B 407 -0.17 35.44 -2.89
CA VAL B 407 0.15 36.29 -1.73
C VAL B 407 0.79 35.44 -0.64
N GLN B 408 1.68 36.08 0.12
CA GLN B 408 2.35 35.46 1.25
C GLN B 408 1.84 36.07 2.56
N LEU B 409 1.78 35.23 3.59
CA LEU B 409 1.31 35.64 4.92
C LEU B 409 2.43 35.42 5.92
N LYS B 410 3.05 36.51 6.35
CA LYS B 410 3.99 36.43 7.46
C LYS B 410 3.21 36.39 8.76
N LEU B 411 3.75 35.72 9.76
CA LEU B 411 3.11 35.61 11.06
C LEU B 411 4.08 36.09 12.12
N TYR B 412 3.66 37.09 12.88
CA TYR B 412 4.40 37.71 13.97
C TYR B 412 3.81 37.30 15.31
N ASP B 413 4.62 37.42 16.35
CA ASP B 413 4.19 37.16 17.71
C ASP B 413 3.79 38.48 18.38
N ASP B 414 3.54 38.44 19.68
CA ASP B 414 3.15 39.63 20.43
C ASP B 414 4.30 40.58 20.68
N LYS B 415 5.54 40.16 20.45
CA LYS B 415 6.71 41.00 20.65
C LYS B 415 7.24 41.59 19.36
N ASN B 416 6.46 41.52 18.28
CA ASN B 416 6.76 42.03 16.95
C ASN B 416 7.74 41.13 16.20
N ALA B 417 8.21 40.03 16.80
CA ALA B 417 9.08 39.11 16.11
C ALA B 417 8.29 38.31 15.07
N SER B 418 8.99 37.80 14.08
CA SER B 418 8.39 37.09 12.96
C SER B 418 8.44 35.58 13.21
N LEU B 419 7.27 34.98 13.42
CA LEU B 419 7.19 33.53 13.50
C LEU B 419 7.45 32.87 12.16
N GLY B 420 7.14 33.55 11.06
CA GLY B 420 7.56 33.11 9.75
C GLY B 420 6.44 33.11 8.74
N LEU B 421 6.80 32.71 7.52
CA LEU B 421 5.83 32.64 6.43
C LEU B 421 4.99 31.39 6.59
N VAL B 422 3.70 31.51 6.25
CA VAL B 422 2.80 30.38 6.35
C VAL B 422 3.06 29.42 5.21
N GLY B 423 3.17 28.15 5.53
CA GLY B 423 3.42 27.12 4.53
C GLY B 423 2.88 25.77 4.96
N THR B 424 3.51 24.70 4.50
CA THR B 424 3.04 23.36 4.81
C THR B 424 4.22 22.45 5.08
N HIS B 425 4.15 21.72 6.19
CA HIS B 425 5.16 20.72 6.55
C HIS B 425 4.49 19.37 6.66
N ASN B 426 5.12 18.34 6.09
CA ASN B 426 4.52 17.02 6.05
C ASN B 426 4.88 16.26 7.33
N GLY B 427 3.86 15.86 8.07
CA GLY B 427 4.09 15.18 9.32
C GLY B 427 2.99 14.23 9.72
N GLN B 428 3.14 13.63 10.90
CA GLN B 428 2.18 12.69 11.46
C GLN B 428 1.88 13.15 12.88
N ILE B 429 0.92 14.06 13.01
CA ILE B 429 0.56 14.60 14.31
C ILE B 429 -0.35 13.59 15.00
N GLY B 430 0.16 12.96 16.07
CA GLY B 430 -0.59 11.95 16.77
C GLY B 430 -0.70 10.66 15.99
N ASN B 431 -1.85 10.00 16.07
CA ASN B 431 -2.12 8.77 15.35
C ASN B 431 -2.79 9.02 14.00
N ASP B 432 -2.94 10.28 13.61
CA ASP B 432 -3.57 10.62 12.35
C ASP B 432 -2.65 10.29 11.17
N PRO B 433 -3.20 10.27 9.96
CA PRO B 433 -2.40 9.91 8.78
C PRO B 433 -1.24 10.87 8.57
N ASN B 434 -0.40 10.53 7.61
CA ASN B 434 0.72 11.38 7.20
C ASN B 434 0.16 12.46 6.29
N ARG B 435 0.05 13.68 6.81
CA ARG B 435 -0.59 14.78 6.09
C ARG B 435 0.42 15.91 5.88
N ASP B 436 -0.04 16.99 5.26
CA ASP B 436 0.70 18.25 5.13
C ASP B 436 0.00 19.28 6.01
N ILE B 437 0.56 19.51 7.20
CA ILE B 437 -0.04 20.44 8.14
C ILE B 437 0.43 21.86 7.85
N LEU B 438 -0.49 22.81 7.93
CA LEU B 438 -0.17 24.22 7.77
C LEU B 438 0.71 24.68 8.92
N ILE B 439 1.72 25.49 8.60
CA ILE B 439 2.71 25.94 9.55
C ILE B 439 3.07 27.38 9.28
N ALA B 440 3.97 27.92 10.10
CA ALA B 440 4.48 29.28 9.94
C ALA B 440 5.95 29.27 10.39
N SER B 441 6.85 29.15 9.43
CA SER B 441 8.26 29.03 9.75
C SER B 441 9.09 30.02 8.97
N ASN B 442 10.29 30.28 9.49
CA ASN B 442 11.24 31.19 8.88
C ASN B 442 12.16 30.50 7.88
N TRP B 443 11.94 29.21 7.63
CA TRP B 443 12.73 28.51 6.62
C TRP B 443 12.52 29.11 5.24
N TYR B 444 11.27 29.42 4.90
CA TYR B 444 10.94 29.89 3.56
C TYR B 444 11.68 31.15 3.18
N PHE B 445 12.14 31.93 4.16
CA PHE B 445 12.88 33.15 3.86
C PHE B 445 14.18 32.85 3.14
N ASN B 446 14.77 31.67 3.35
CA ASN B 446 16.04 31.33 2.75
C ASN B 446 15.91 30.78 1.34
N HIS B 447 14.70 30.66 0.80
CA HIS B 447 14.50 30.11 -0.52
C HIS B 447 13.50 30.93 -1.34
N LEU B 448 13.43 32.24 -1.08
CA LEU B 448 12.53 33.11 -1.82
C LEU B 448 12.95 33.29 -3.27
N LYS B 449 14.16 32.87 -3.64
CA LYS B 449 14.64 32.97 -5.02
C LYS B 449 14.46 31.69 -5.81
N ASP B 450 13.88 30.66 -5.20
CA ASP B 450 13.69 29.40 -5.92
C ASP B 450 12.57 29.54 -6.95
N LYS B 451 12.58 28.62 -7.92
CA LYS B 451 11.57 28.65 -8.97
C LYS B 451 10.16 28.49 -8.40
N ILE B 452 10.00 27.53 -7.49
CA ILE B 452 8.71 27.28 -6.86
C ILE B 452 8.92 27.14 -5.36
N LEU B 453 8.04 27.78 -4.58
CA LEU B 453 8.12 27.74 -3.13
C LEU B 453 6.74 27.43 -2.58
N GLY B 454 6.71 26.80 -1.40
CA GLY B 454 5.49 26.34 -0.79
C GLY B 454 4.77 27.34 0.08
N CYS B 455 5.19 28.60 0.11
CA CYS B 455 4.57 29.61 0.96
C CYS B 455 3.57 30.48 0.22
N ASP B 456 3.39 30.28 -1.09
CA ASP B 456 2.45 31.07 -1.87
C ASP B 456 1.05 30.49 -1.83
N TRP B 457 0.05 31.37 -1.90
CA TRP B 457 -1.35 30.98 -1.79
C TRP B 457 -2.20 31.75 -2.79
N TYR B 458 -3.24 31.07 -3.28
CA TYR B 458 -4.27 31.68 -4.11
C TYR B 458 -5.51 31.88 -3.24
N PHE B 459 -6.00 33.13 -3.20
CA PHE B 459 -7.26 33.45 -2.54
C PHE B 459 -8.35 33.47 -3.61
N VAL B 460 -9.21 32.46 -3.60
CA VAL B 460 -10.21 32.30 -4.64
C VAL B 460 -11.59 32.63 -4.09
N PRO B 461 -12.16 33.78 -4.44
CA PRO B 461 -13.56 34.06 -4.10
C PRO B 461 -14.48 33.50 -5.19
N THR B 462 -15.74 33.33 -4.82
CA THR B 462 -16.72 32.82 -5.76
C THR B 462 -16.97 33.85 -6.84
N ASP B 463 -16.99 33.38 -8.09
CA ASP B 463 -17.20 34.22 -9.25
C ASP B 463 -18.20 33.56 -10.18
N GLU B 464 -18.98 34.39 -10.88
CA GLU B 464 -20.03 33.88 -11.76
C GLU B 464 -19.50 33.33 -13.08
N GLY B 465 -18.30 33.70 -13.49
CA GLY B 465 -17.72 33.21 -14.70
C GLY B 465 -17.11 31.83 -14.58
N TRP B 466 -17.03 31.28 -13.38
CA TRP B 466 -16.57 29.91 -13.18
C TRP B 466 -17.66 29.14 -12.45
N THR B 467 -18.21 28.14 -13.13
CA THR B 467 -19.15 27.20 -12.53
C THR B 467 -18.67 25.80 -12.86
N ASN B 468 -18.53 24.97 -11.84
CA ASN B 468 -18.01 23.62 -12.05
C ASN B 468 -18.97 22.81 -12.90
N ASP B 469 -18.40 21.94 -13.73
CA ASP B 469 -19.20 21.14 -14.64
C ASP B 469 -19.63 19.81 -14.01
N GLN C 4 -26.07 -32.51 -3.03
CA GLN C 4 -26.93 -31.89 -4.03
C GLN C 4 -28.00 -31.04 -3.35
N VAL C 5 -27.92 -29.73 -3.55
CA VAL C 5 -28.88 -28.82 -2.93
C VAL C 5 -30.20 -28.89 -3.67
N GLN C 6 -31.29 -29.07 -2.91
CA GLN C 6 -32.63 -29.14 -3.46
C GLN C 6 -33.31 -27.79 -3.25
N LEU C 7 -33.74 -27.17 -4.35
CA LEU C 7 -34.40 -25.87 -4.32
C LEU C 7 -35.88 -26.06 -4.61
N VAL C 8 -36.74 -25.49 -3.77
CA VAL C 8 -38.18 -25.55 -3.96
C VAL C 8 -38.74 -24.14 -3.91
N GLU C 9 -39.55 -23.79 -4.91
CA GLU C 9 -40.15 -22.47 -5.02
C GLU C 9 -41.60 -22.50 -4.55
N SER C 10 -42.08 -21.34 -4.12
CA SER C 10 -43.46 -21.19 -3.68
C SER C 10 -43.83 -19.72 -3.76
N GLY C 11 -45.12 -19.45 -3.62
CA GLY C 11 -45.64 -18.10 -3.61
C GLY C 11 -46.28 -17.63 -4.90
N GLY C 12 -46.51 -18.52 -5.85
CA GLY C 12 -47.08 -18.15 -7.13
C GLY C 12 -48.59 -18.06 -7.09
N GLY C 13 -49.19 -18.09 -8.28
CA GLY C 13 -50.62 -18.09 -8.45
C GLY C 13 -51.05 -17.06 -9.46
N LEU C 14 -52.32 -16.69 -9.40
CA LEU C 14 -52.90 -15.67 -10.25
C LEU C 14 -52.92 -14.36 -9.48
N VAL C 15 -52.51 -13.28 -10.15
CA VAL C 15 -52.40 -11.96 -9.54
C VAL C 15 -53.04 -10.93 -10.48
N GLN C 16 -53.82 -10.02 -9.91
CA GLN C 16 -54.42 -8.97 -10.71
C GLN C 16 -53.35 -8.02 -11.22
N ALA C 17 -53.60 -7.45 -12.39
CA ALA C 17 -52.63 -6.56 -13.03
C ALA C 17 -52.36 -5.35 -12.15
N GLY C 18 -51.10 -4.93 -12.11
CA GLY C 18 -50.71 -3.79 -11.31
C GLY C 18 -50.59 -4.07 -9.83
N GLY C 19 -50.57 -5.33 -9.42
CA GLY C 19 -50.49 -5.70 -8.02
C GLY C 19 -49.07 -5.93 -7.56
N SER C 20 -48.93 -6.84 -6.60
CA SER C 20 -47.63 -7.19 -6.06
C SER C 20 -47.65 -8.65 -5.65
N LEU C 21 -46.47 -9.27 -5.67
CA LEU C 21 -46.37 -10.70 -5.35
C LEU C 21 -44.95 -10.98 -4.90
N ARG C 22 -44.80 -12.12 -4.21
CA ARG C 22 -43.51 -12.54 -3.68
C ARG C 22 -43.33 -14.02 -3.93
N LEU C 23 -42.12 -14.41 -4.32
CA LEU C 23 -41.75 -15.81 -4.53
C LEU C 23 -40.62 -16.15 -3.58
N SER C 24 -40.75 -17.29 -2.90
CA SER C 24 -39.78 -17.75 -1.91
C SER C 24 -39.16 -19.04 -2.40
N CYS C 25 -37.84 -19.13 -2.34
CA CYS C 25 -37.08 -20.29 -2.78
C CYS C 25 -36.35 -20.84 -1.56
N ALA C 26 -36.85 -21.96 -1.04
CA ALA C 26 -36.28 -22.61 0.12
C ALA C 26 -35.28 -23.68 -0.33
N ALA C 27 -34.14 -23.69 0.34
CA ALA C 27 -33.07 -24.64 0.09
C ALA C 27 -32.78 -25.38 1.39
N SER C 28 -32.54 -26.69 1.28
CA SER C 28 -32.24 -27.52 2.43
C SER C 28 -30.89 -28.18 2.21
N GLY C 29 -29.84 -27.41 2.46
CA GLY C 29 -28.48 -27.90 2.46
C GLY C 29 -27.67 -26.93 3.27
N ARG C 30 -26.93 -27.42 4.27
CA ARG C 30 -26.13 -26.55 5.13
C ARG C 30 -25.24 -25.66 4.27
N THR C 31 -24.78 -26.21 3.16
CA THR C 31 -23.97 -25.48 2.20
C THR C 31 -24.91 -24.72 1.28
N PHE C 32 -25.30 -23.52 1.70
CA PHE C 32 -26.18 -22.66 0.92
C PHE C 32 -25.53 -21.32 0.62
N SER C 33 -24.53 -20.95 1.40
CA SER C 33 -23.92 -19.62 1.33
C SER C 33 -22.74 -19.60 0.37
N ARG C 34 -22.51 -20.68 -0.36
CA ARG C 34 -21.41 -20.78 -1.30
C ARG C 34 -21.88 -20.72 -2.75
N PHE C 35 -23.15 -20.36 -2.97
CA PHE C 35 -23.71 -20.25 -4.29
C PHE C 35 -24.28 -18.85 -4.52
N ILE C 36 -24.15 -18.37 -5.74
CA ILE C 36 -24.89 -17.22 -6.22
C ILE C 36 -26.28 -17.71 -6.61
N MET C 37 -27.32 -17.04 -6.11
CA MET C 37 -28.69 -17.50 -6.26
C MET C 37 -29.36 -16.73 -7.39
N GLY C 38 -29.78 -17.43 -8.43
CA GLY C 38 -30.33 -16.79 -9.62
C GLY C 38 -31.78 -17.14 -9.84
N TRP C 39 -32.57 -16.13 -10.20
CA TRP C 39 -33.98 -16.28 -10.52
C TRP C 39 -34.14 -16.12 -12.03
N PHE C 40 -34.76 -17.13 -12.66
CA PHE C 40 -35.05 -17.18 -14.08
C PHE C 40 -36.55 -17.26 -14.28
N ARG C 41 -37.00 -17.01 -15.51
CA ARG C 41 -38.40 -17.16 -15.87
C ARG C 41 -38.51 -17.69 -17.29
N GLN C 42 -39.55 -18.49 -17.52
CA GLN C 42 -39.83 -19.10 -18.81
C GLN C 42 -41.23 -18.72 -19.22
N ALA C 43 -41.34 -17.93 -20.29
CA ALA C 43 -42.62 -17.53 -20.83
C ALA C 43 -43.10 -18.56 -21.85
N PRO C 44 -44.39 -18.57 -22.18
CA PRO C 44 -44.86 -19.50 -23.21
C PRO C 44 -44.26 -19.14 -24.58
N GLY C 45 -43.68 -20.15 -25.23
CA GLY C 45 -43.09 -19.97 -26.54
C GLY C 45 -41.68 -19.43 -26.55
N LYS C 46 -41.19 -18.92 -25.42
CA LYS C 46 -39.84 -18.39 -25.30
C LYS C 46 -39.00 -19.36 -24.46
N GLU C 47 -37.77 -18.96 -24.21
CA GLU C 47 -36.82 -19.75 -23.43
C GLU C 47 -36.66 -19.14 -22.05
N ARG C 48 -35.99 -19.89 -21.17
CA ARG C 48 -35.68 -19.38 -19.84
C ARG C 48 -34.78 -18.16 -19.95
N GLU C 49 -35.31 -16.99 -19.60
CA GLU C 49 -34.56 -15.74 -19.66
C GLU C 49 -34.14 -15.33 -18.26
N PHE C 50 -32.85 -15.08 -18.07
CA PHE C 50 -32.32 -14.68 -16.77
C PHE C 50 -33.00 -13.40 -16.31
N VAL C 51 -33.48 -13.42 -15.06
CA VAL C 51 -34.18 -12.28 -14.47
C VAL C 51 -33.30 -11.55 -13.47
N ALA C 52 -32.77 -12.26 -12.48
CA ALA C 52 -31.99 -11.59 -11.45
C ALA C 52 -31.06 -12.59 -10.78
N ALA C 53 -30.15 -12.07 -9.98
CA ALA C 53 -29.25 -12.90 -9.20
C ALA C 53 -28.79 -12.13 -7.97
N VAL C 54 -28.45 -12.87 -6.93
CA VAL C 54 -28.00 -12.29 -5.66
C VAL C 54 -26.73 -13.04 -5.23
N GLY C 55 -25.74 -12.27 -4.79
CA GLY C 55 -24.43 -12.81 -4.47
C GLY C 55 -24.42 -13.81 -3.33
N LYS C 56 -23.24 -14.08 -2.80
CA LYS C 56 -23.05 -15.11 -1.78
C LYS C 56 -23.20 -14.57 -0.36
N SER C 57 -23.43 -13.26 -0.18
CA SER C 57 -23.53 -12.68 1.15
C SER C 57 -24.66 -11.68 1.30
N GLY C 58 -25.58 -11.61 0.34
CA GLY C 58 -26.72 -10.73 0.46
C GLY C 58 -26.42 -9.25 0.31
N ASP C 59 -25.21 -8.89 -0.10
CA ASP C 59 -24.84 -7.48 -0.25
C ASP C 59 -25.19 -6.96 -1.63
N THR C 60 -24.67 -7.59 -2.67
CA THR C 60 -24.79 -7.12 -4.04
C THR C 60 -25.87 -7.91 -4.78
N THR C 61 -26.58 -7.21 -5.64
CA THR C 61 -27.57 -7.80 -6.53
C THR C 61 -27.10 -7.63 -7.98
N TYR C 62 -27.76 -8.35 -8.88
CA TYR C 62 -27.37 -8.40 -10.29
C TYR C 62 -28.65 -8.53 -11.09
N TYR C 63 -29.12 -7.42 -11.66
CA TYR C 63 -30.39 -7.37 -12.36
C TYR C 63 -30.20 -7.40 -13.86
N ALA C 64 -31.02 -8.18 -14.54
CA ALA C 64 -31.02 -8.22 -15.99
C ALA C 64 -31.57 -6.90 -16.53
N ASP C 65 -31.56 -6.75 -17.85
CA ASP C 65 -32.00 -5.51 -18.45
C ASP C 65 -33.52 -5.41 -18.43
N SER C 66 -34.00 -4.22 -18.06
CA SER C 66 -35.42 -3.87 -18.01
C SER C 66 -36.10 -4.42 -16.76
N MET C 67 -35.37 -4.98 -15.80
CA MET C 67 -35.96 -5.60 -14.63
C MET C 67 -35.95 -4.71 -13.40
N SER C 68 -34.81 -4.07 -13.12
CA SER C 68 -34.73 -3.21 -11.94
C SER C 68 -35.83 -2.16 -12.01
N GLY C 69 -36.50 -1.96 -10.87
CA GLY C 69 -37.67 -1.12 -10.78
C GLY C 69 -38.94 -1.90 -10.56
N ARG C 70 -38.96 -3.17 -10.99
CA ARG C 70 -40.10 -4.05 -10.76
C ARG C 70 -39.71 -5.35 -10.07
N PHE C 71 -38.43 -5.70 -10.02
CA PHE C 71 -37.96 -6.91 -9.36
C PHE C 71 -36.97 -6.54 -8.26
N ALA C 72 -37.13 -7.16 -7.09
CA ALA C 72 -36.24 -6.97 -5.97
C ALA C 72 -35.85 -8.35 -5.44
N ILE C 73 -34.56 -8.68 -5.52
CA ILE C 73 -34.05 -9.98 -5.14
C ILE C 73 -33.25 -9.85 -3.87
N SER C 74 -33.47 -10.76 -2.92
CA SER C 74 -32.74 -10.75 -1.67
C SER C 74 -32.58 -12.17 -1.18
N ARG C 75 -31.75 -12.34 -0.15
CA ARG C 75 -31.54 -13.65 0.45
C ARG C 75 -31.41 -13.50 1.95
N ASP C 76 -32.02 -14.43 2.67
CA ASP C 76 -31.91 -14.53 4.13
C ASP C 76 -31.08 -15.76 4.44
N ASN C 77 -29.92 -15.55 5.05
CA ASN C 77 -29.03 -16.64 5.40
C ASN C 77 -29.37 -17.28 6.74
N ALA C 78 -30.18 -16.61 7.57
CA ALA C 78 -30.63 -17.22 8.81
C ALA C 78 -31.82 -18.15 8.58
N LYS C 79 -32.71 -17.79 7.66
CA LYS C 79 -33.86 -18.60 7.31
C LYS C 79 -33.58 -19.52 6.13
N ASN C 80 -32.37 -19.52 5.57
CA ASN C 80 -31.98 -20.42 4.50
C ASN C 80 -32.87 -20.26 3.27
N THR C 81 -33.16 -19.01 2.88
CA THR C 81 -34.14 -18.78 1.82
C THR C 81 -33.70 -17.63 0.91
N VAL C 82 -34.34 -17.57 -0.25
CA VAL C 82 -34.17 -16.49 -1.21
C VAL C 82 -35.54 -15.94 -1.54
N TYR C 83 -35.59 -14.64 -1.85
CA TYR C 83 -36.85 -13.94 -2.08
C TYR C 83 -36.77 -13.14 -3.37
N LEU C 84 -37.86 -13.18 -4.14
CA LEU C 84 -38.04 -12.32 -5.32
C LEU C 84 -39.37 -11.61 -5.18
N GLN C 85 -39.32 -10.29 -5.01
CA GLN C 85 -40.51 -9.45 -4.92
C GLN C 85 -40.76 -8.81 -6.27
N MET C 86 -41.98 -8.97 -6.78
CA MET C 86 -42.38 -8.41 -8.07
C MET C 86 -43.56 -7.48 -7.82
N ILE C 87 -43.61 -6.39 -8.60
CA ILE C 87 -44.63 -5.36 -8.42
C ILE C 87 -45.04 -4.82 -9.78
N SER C 88 -46.21 -4.18 -9.80
CA SER C 88 -46.76 -3.57 -11.01
C SER C 88 -46.83 -4.58 -12.15
N LEU C 89 -47.33 -5.77 -11.83
CA LEU C 89 -47.33 -6.87 -12.78
C LEU C 89 -48.26 -6.59 -13.95
N LYS C 90 -47.71 -6.70 -15.15
CA LYS C 90 -48.42 -6.52 -16.41
C LYS C 90 -48.76 -7.87 -17.01
N PRO C 91 -49.58 -7.91 -18.06
CA PRO C 91 -49.88 -9.21 -18.70
C PRO C 91 -48.64 -9.89 -19.24
N GLU C 92 -47.61 -9.13 -19.61
CA GLU C 92 -46.40 -9.74 -20.14
C GLU C 92 -45.73 -10.67 -19.13
N ASP C 93 -45.89 -10.39 -17.83
CA ASP C 93 -45.16 -11.14 -16.82
C ASP C 93 -45.90 -12.40 -16.40
N THR C 94 -46.34 -13.19 -17.37
CA THR C 94 -46.99 -14.47 -17.11
C THR C 94 -46.01 -15.55 -17.53
N ALA C 95 -45.56 -16.35 -16.56
CA ALA C 95 -44.48 -17.28 -16.87
C ALA C 95 -44.26 -18.21 -15.67
N VAL C 96 -43.36 -19.17 -15.87
CA VAL C 96 -42.94 -20.09 -14.82
C VAL C 96 -41.59 -19.63 -14.32
N TYR C 97 -41.52 -19.30 -13.04
CA TYR C 97 -40.31 -18.79 -12.42
C TYR C 97 -39.53 -19.93 -11.77
N TYR C 98 -38.23 -19.98 -12.05
CA TYR C 98 -37.32 -21.00 -11.57
C TYR C 98 -36.23 -20.40 -10.71
N CYS C 99 -35.75 -21.18 -9.76
CA CYS C 99 -34.69 -20.81 -8.83
C CYS C 99 -33.49 -21.71 -9.09
N ALA C 100 -32.29 -21.13 -9.11
CA ALA C 100 -31.10 -21.90 -9.46
C ALA C 100 -29.92 -21.41 -8.65
N ALA C 101 -28.89 -22.25 -8.59
CA ALA C 101 -27.67 -21.97 -7.85
C ALA C 101 -26.48 -22.09 -8.79
N ASP C 102 -25.54 -21.16 -8.63
CA ASP C 102 -24.27 -21.19 -9.34
C ASP C 102 -23.17 -21.21 -8.30
N SER C 103 -22.17 -22.09 -8.48
CA SER C 103 -21.13 -22.25 -7.48
C SER C 103 -19.88 -21.47 -7.84
N SER C 104 -19.95 -20.62 -8.85
CA SER C 104 -18.75 -20.02 -9.41
C SER C 104 -18.37 -18.78 -8.63
N TYR C 105 -17.43 -18.02 -9.18
CA TYR C 105 -16.96 -16.78 -8.61
C TYR C 105 -17.20 -15.60 -9.54
N PHE C 106 -18.05 -15.77 -10.56
CA PHE C 106 -18.43 -14.71 -11.47
C PHE C 106 -19.94 -14.72 -11.63
N TYR C 107 -20.50 -13.54 -11.87
CA TYR C 107 -21.92 -13.43 -12.15
C TYR C 107 -22.18 -13.92 -13.58
N HIS C 108 -23.18 -14.79 -13.73
CA HIS C 108 -23.50 -15.39 -15.01
C HIS C 108 -24.98 -15.22 -15.31
N THR C 109 -25.30 -14.94 -16.57
CA THR C 109 -26.67 -14.86 -17.05
C THR C 109 -27.06 -16.05 -17.92
N HIS C 110 -26.11 -16.90 -18.30
CA HIS C 110 -26.40 -18.04 -19.15
C HIS C 110 -26.96 -19.19 -18.31
N GLU C 111 -28.03 -19.81 -18.79
CA GLU C 111 -28.67 -20.86 -18.03
C GLU C 111 -27.76 -22.05 -17.84
N SER C 112 -26.83 -22.28 -18.77
CA SER C 112 -25.96 -23.46 -18.68
C SER C 112 -25.06 -23.38 -17.46
N GLU C 113 -24.52 -22.20 -17.16
CA GLU C 113 -23.52 -22.06 -16.10
C GLU C 113 -24.07 -22.31 -14.71
N TYR C 114 -25.39 -22.39 -14.54
CA TYR C 114 -25.97 -22.62 -13.22
C TYR C 114 -26.00 -24.12 -12.94
N ASP C 115 -25.62 -24.48 -11.71
CA ASP C 115 -25.41 -25.88 -11.36
C ASP C 115 -26.73 -26.61 -11.11
N TYR C 116 -27.47 -26.17 -10.10
CA TYR C 116 -28.73 -26.78 -9.72
C TYR C 116 -29.88 -25.95 -10.26
N TRP C 117 -31.10 -26.46 -10.08
CA TRP C 117 -32.30 -25.79 -10.56
C TRP C 117 -33.46 -26.17 -9.66
N GLY C 118 -34.41 -25.26 -9.51
CA GLY C 118 -35.57 -25.51 -8.70
C GLY C 118 -36.67 -26.20 -9.47
N GLN C 119 -37.72 -26.59 -8.75
CA GLN C 119 -38.85 -27.22 -9.40
C GLN C 119 -39.55 -26.25 -10.33
N GLY C 120 -40.04 -25.13 -9.77
CA GLY C 120 -40.74 -24.12 -10.52
C GLY C 120 -42.00 -23.63 -9.83
N THR C 121 -42.42 -22.42 -10.18
CA THR C 121 -43.70 -21.89 -9.72
C THR C 121 -44.33 -21.17 -10.90
N GLN C 122 -45.66 -21.05 -10.88
CA GLN C 122 -46.39 -20.37 -11.94
C GLN C 122 -46.84 -19.00 -11.46
N VAL C 123 -46.73 -18.00 -12.33
CA VAL C 123 -47.22 -16.66 -12.05
C VAL C 123 -48.06 -16.23 -13.24
N THR C 124 -49.33 -15.94 -13.00
CA THR C 124 -50.31 -15.66 -14.06
C THR C 124 -50.92 -14.29 -13.85
N VAL C 125 -50.82 -13.44 -14.87
CA VAL C 125 -51.38 -12.10 -14.85
C VAL C 125 -52.49 -11.98 -15.89
#